data_6Z3P
#
_entry.id   6Z3P
#
_cell.length_a   1.00
_cell.length_b   1.00
_cell.length_c   1.00
_cell.angle_alpha   90.00
_cell.angle_beta   90.00
_cell.angle_gamma   90.00
#
_symmetry.space_group_name_H-M   'P 1'
#
loop_
_entity.id
_entity.type
_entity.pdbx_description
1 polymer VP1
2 polymer VP2
3 polymer VP3
4 polymer VP4
5 polymer 'heavy chain'
6 polymer 'light chain'
7 non-polymer SPHINGOSINE
#
loop_
_entity_poly.entity_id
_entity_poly.type
_entity_poly.pdbx_seq_one_letter_code
_entity_poly.pdbx_strand_id
1 'polypeptide(L)'
;GDRVADMIESSIGNSVSRALTQALPAPTGQNTQVSSHRLDTGEVPALQAAEIGASSNTSDESMIETRCVLNSHSTAETTL
DSFFSRAGLVGEIDLPLEGTTNPNGYANWDIDITGYAQMRRKVELFTYMRFDAEFTFVACTPTGQVVPQLLQYMFVPPGA
PKPESRESLAWQTATNPSVFVKLTDPPAQVSVPFMSPASAYQWFYDGYPTFGEHKQEKDLEYGACPNNMMGTFSVRTVGS
SKSKYALVVRIYMRMKHVRAWIPRPMRNQNYLFKANPNYAGDSIKPTGTSRNAITTL
;
A
2 'polypeptide(L)'
;SPSAEACGYSDRVAQLTIGNSTITTQEAANIIVGYGEWPSYCSDDDATAVDKPTRPDVSVNRFYTLDTKLWEKSSKGWYW
KFPDVLTETGVFGQNAQFHYLYRSGFCIHVQCNASKFHQGALLVAILPEYVIGTVAGGTGTEDSHPPYIQTQPGADGFEL
QHPYVLDAGIPISQLTVCPHQWINLRTNNCATIIVPYMNTLPFDSALNHCNFGLLVVPISPLDFDQGATPVIPITITLAP
MCSEFAGLRQAVTQ
;
B
3 'polypeptide(L)'
;GFPTELKPGTNQFLTTDDGVSAPILPNFHPTPCIHIPGEVRNLLELCQVETILEVNNVPTNATSLMERLRFPVSAQAGKG
ELCAVFRADPGRDGPWQSTMLGQLCGYYTQWSGSLEVTFMFTGSFMATGKMLIAYTPPGGPLPKDRATAMLGTHVIWDFG
LQSSVTLVIPWISNTHYRAHARDGVFDYYTTGLVSIWYQTNYVVPIGAPNTAYIIALAAAQKNFTMKLCKDTSHILQTAS
IQ
;
C
4 'polypeptide(L)' SHENSNSATEGSTINYTTINYYKDSYAATAGKQSLKQDPDKFANPVKDIFTEMAAPLK D
5 'polypeptide(L)'
;MGWSCIILFLVATATGVHSEVQLVQSGAEVKKPGESLKISCKGSGYSFTSYWIGWVRQMPGKGLEWMGIIYPGDSDTRYS
PSFQGQVTISADKSISTAYLQWSSLKASDTAMYYCARLHSSSWFYGMDVWGQGTTVTVSSASTKGPSVFPLAPSSKSTSG
GTAALGCLVKDYFPEPVTVSWNSGALTSGVHTFPAVLQSSGLYSLSSVVTVPSSSLGTQTYICNVNHKPSNTKVDKKVEP
KSCDK
;
H
6 'polypeptide(L)'
;MGWSCIILFLVATATGVHSDIQMTQSPSSLSASVGDRVTITCRASQSISSYLNWYQQKPGKAPKLLIYAASSLQSGVPSR
FSGSGSGTDFTLTISSLQPEDFATYYCQQSYSTPRTFGPGTKVDIKRTVAAPSVFIFPPSDEQLKSGTASVVCLLNNFYP
REAKVQWKVDNALQSGNSQESVTEQDSKDSTYSLSSTLTLSKADYEKHKVYACEVTHQGLSSPVTKSFNRGEC
;
L
#
loop_
_chem_comp.id
_chem_comp.type
_chem_comp.name
_chem_comp.formula
SPH non-polymer SPHINGOSINE 'C18 H37 N O2'
#
# COMPACT_ATOMS: atom_id res chain seq x y z
N ASP A 2 33.29 -37.50 14.67
CA ASP A 2 33.21 -36.73 13.43
C ASP A 2 34.29 -37.17 12.46
N ARG A 3 34.10 -38.32 11.84
CA ARG A 3 35.06 -38.92 10.91
C ARG A 3 34.63 -38.83 9.46
N VAL A 4 33.35 -39.04 9.16
CA VAL A 4 32.90 -39.00 7.77
C VAL A 4 33.09 -37.61 7.20
N ALA A 5 33.42 -37.56 5.90
CA ALA A 5 33.76 -36.29 5.28
C ALA A 5 32.59 -35.31 5.32
N ASP A 6 31.36 -35.80 5.21
CA ASP A 6 30.21 -34.90 5.22
C ASP A 6 30.05 -34.18 6.56
N MET A 7 30.44 -34.82 7.67
CA MET A 7 30.41 -34.15 8.95
C MET A 7 31.54 -33.14 9.09
N ILE A 8 32.72 -33.45 8.56
CA ILE A 8 33.85 -32.52 8.68
C ILE A 8 33.55 -31.24 7.92
N GLU A 9 33.00 -31.35 6.71
CA GLU A 9 32.67 -30.20 5.88
C GLU A 9 31.21 -29.77 6.05
N SER A 10 30.63 -30.03 7.21
CA SER A 10 29.23 -29.70 7.47
C SER A 10 29.10 -28.25 7.95
N SER A 11 27.99 -27.63 7.57
CA SER A 11 27.65 -26.28 8.03
C SER A 11 26.60 -26.31 9.13
N ILE A 12 26.31 -27.49 9.67
CA ILE A 12 25.33 -27.61 10.75
C ILE A 12 25.91 -27.03 12.03
N GLY A 13 25.12 -26.23 12.73
CA GLY A 13 25.58 -25.58 13.93
C GLY A 13 26.27 -24.26 13.72
N ASN A 14 26.25 -23.72 12.50
CA ASN A 14 26.87 -22.43 12.20
C ASN A 14 25.96 -21.34 12.73
N SER A 15 26.18 -20.96 13.99
CA SER A 15 25.30 -20.04 14.70
C SER A 15 25.56 -18.58 14.39
N VAL A 16 26.66 -18.26 13.72
CA VAL A 16 26.96 -16.86 13.41
C VAL A 16 25.93 -16.33 12.42
N SER A 17 25.59 -15.06 12.59
CA SER A 17 24.63 -14.40 11.71
C SER A 17 25.36 -13.86 10.49
N ARG A 18 25.11 -14.47 9.33
CA ARG A 18 25.72 -14.05 8.08
C ARG A 18 24.86 -12.96 7.46
N ALA A 19 25.23 -11.71 7.73
CA ALA A 19 24.47 -10.55 7.28
C ALA A 19 25.18 -9.90 6.09
N LEU A 20 24.42 -9.58 5.06
CA LEU A 20 24.96 -9.03 3.81
C LEU A 20 25.10 -7.51 3.85
N THR A 21 24.67 -6.86 4.92
CA THR A 21 24.70 -5.42 5.02
C THR A 21 25.45 -5.00 6.27
N GLN A 22 25.79 -3.71 6.34
CA GLN A 22 26.54 -3.15 7.46
C GLN A 22 26.03 -1.75 7.72
N ALA A 23 25.76 -1.44 8.98
CA ALA A 23 25.31 -0.11 9.36
C ALA A 23 26.49 0.86 9.32
N LEU A 24 26.30 1.99 8.65
CA LEU A 24 27.34 3.00 8.54
C LEU A 24 26.87 4.29 9.17
N PRO A 25 27.79 5.12 9.68
CA PRO A 25 27.38 6.39 10.28
C PRO A 25 26.80 7.34 9.24
N ALA A 26 25.60 7.83 9.51
CA ALA A 26 24.92 8.79 8.64
C ALA A 26 24.43 9.94 9.52
N PRO A 27 25.35 10.74 10.06
CA PRO A 27 24.92 11.85 10.93
C PRO A 27 24.21 12.98 10.20
N THR A 28 24.32 13.06 8.88
CA THR A 28 23.70 14.12 8.11
C THR A 28 23.27 13.56 6.76
N GLY A 29 22.46 14.35 6.05
CA GLY A 29 22.01 13.94 4.74
C GLY A 29 23.17 13.84 3.77
N GLN A 30 23.02 12.93 2.81
CA GLN A 30 24.08 12.67 1.85
C GLN A 30 24.34 13.91 0.99
N ASN A 31 25.62 14.19 0.75
CA ASN A 31 25.99 15.33 -0.07
C ASN A 31 25.70 15.06 -1.54
N THR A 32 25.73 16.12 -2.34
CA THR A 32 25.49 16.04 -3.77
C THR A 32 26.79 16.35 -4.51
N GLN A 33 27.01 15.65 -5.62
CA GLN A 33 28.22 15.80 -6.41
C GLN A 33 27.90 16.44 -7.75
N VAL A 34 28.87 17.18 -8.28
CA VAL A 34 28.70 17.76 -9.61
C VAL A 34 28.61 16.66 -10.64
N SER A 35 27.62 16.75 -11.53
CA SER A 35 27.45 15.79 -12.60
C SER A 35 27.11 16.52 -13.88
N SER A 36 27.74 16.11 -14.98
CA SER A 36 27.51 16.68 -16.29
C SER A 36 26.70 15.70 -17.14
N HIS A 37 26.52 16.05 -18.42
CA HIS A 37 25.75 15.22 -19.33
C HIS A 37 26.43 13.88 -19.55
N ARG A 38 25.62 12.84 -19.76
CA ARG A 38 26.10 11.52 -20.16
C ARG A 38 25.49 11.19 -21.51
N LEU A 39 26.35 11.00 -22.51
CA LEU A 39 25.95 10.57 -23.84
C LEU A 39 26.72 9.29 -24.13
N ASP A 40 26.18 8.15 -23.70
CA ASP A 40 26.86 6.87 -23.83
C ASP A 40 25.84 5.77 -24.05
N THR A 41 26.33 4.54 -24.12
CA THR A 41 25.51 3.36 -24.36
C THR A 41 25.92 2.26 -23.39
N GLY A 42 25.03 1.32 -23.18
CA GLY A 42 25.31 0.16 -22.35
C GLY A 42 24.85 0.25 -20.91
N GLU A 43 25.02 1.42 -20.29
CA GLU A 43 24.68 1.63 -18.89
C GLU A 43 23.50 2.60 -18.80
N VAL A 44 22.48 2.19 -18.04
CA VAL A 44 21.25 2.97 -17.91
C VAL A 44 20.89 3.10 -16.44
N PRO A 45 21.44 4.07 -15.71
CA PRO A 45 21.05 4.24 -14.30
C PRO A 45 19.57 4.52 -14.12
N ALA A 46 18.91 5.13 -15.10
CA ALA A 46 17.50 5.46 -14.95
C ALA A 46 16.62 4.23 -14.92
N LEU A 47 16.98 3.18 -15.66
CA LEU A 47 16.15 2.00 -15.79
C LEU A 47 16.38 1.05 -14.63
N GLN A 48 15.29 0.57 -14.05
CA GLN A 48 15.30 -0.31 -12.89
C GLN A 48 14.53 -1.58 -13.19
N ALA A 49 14.51 -2.49 -12.22
CA ALA A 49 13.72 -3.72 -12.29
C ALA A 49 13.10 -3.90 -10.91
N ALA A 50 11.87 -3.40 -10.74
CA ALA A 50 11.19 -3.50 -9.46
C ALA A 50 10.75 -4.92 -9.14
N GLU A 51 10.86 -5.85 -10.10
CA GLU A 51 10.55 -7.24 -9.81
C GLU A 51 11.52 -7.83 -8.79
N ILE A 52 12.77 -7.37 -8.79
CA ILE A 52 13.77 -7.87 -7.87
C ILE A 52 13.33 -7.69 -6.41
N GLY A 53 12.43 -6.75 -6.15
CA GLY A 53 11.98 -6.48 -4.80
C GLY A 53 12.84 -5.50 -4.04
N ALA A 54 13.69 -4.75 -4.72
CA ALA A 54 14.58 -3.78 -4.09
C ALA A 54 14.21 -2.37 -4.53
N SER A 55 14.64 -1.40 -3.74
CA SER A 55 14.39 -0.01 -4.06
C SER A 55 15.37 0.47 -5.13
N SER A 56 15.03 1.60 -5.75
CA SER A 56 15.85 2.14 -6.82
C SER A 56 17.14 2.72 -6.26
N ASN A 57 18.27 2.41 -6.90
CA ASN A 57 19.55 2.96 -6.53
C ASN A 57 19.94 4.16 -7.39
N THR A 58 19.03 4.67 -8.20
CA THR A 58 19.29 5.85 -9.00
C THR A 58 19.42 7.08 -8.10
N SER A 59 20.24 8.03 -8.54
CA SER A 59 20.52 9.24 -7.78
C SER A 59 20.32 10.45 -8.67
N ASP A 60 20.33 11.64 -8.04
CA ASP A 60 20.19 12.88 -8.78
C ASP A 60 21.31 13.05 -9.80
N GLU A 61 22.53 12.69 -9.41
CA GLU A 61 23.69 12.94 -10.28
C GLU A 61 23.52 12.27 -11.64
N SER A 62 22.91 11.09 -11.70
CA SER A 62 22.80 10.34 -12.94
C SER A 62 21.57 10.70 -13.76
N MET A 63 20.61 11.44 -13.19
CA MET A 63 19.39 11.79 -13.88
C MET A 63 19.36 13.22 -14.38
N ILE A 64 19.98 14.14 -13.64
CA ILE A 64 20.06 15.54 -14.02
C ILE A 64 21.50 16.01 -13.82
N GLU A 65 21.76 17.23 -14.27
CA GLU A 65 23.04 17.89 -14.00
C GLU A 65 22.91 18.59 -12.66
N THR A 66 23.59 18.06 -11.66
CA THR A 66 23.51 18.57 -10.30
C THR A 66 24.73 19.43 -9.99
N ARG A 67 24.64 20.16 -8.88
CA ARG A 67 25.72 20.96 -8.36
C ARG A 67 26.17 20.39 -7.02
N CYS A 68 27.43 20.68 -6.66
CA CYS A 68 27.94 20.27 -5.37
C CYS A 68 27.16 20.97 -4.26
N VAL A 69 26.39 20.21 -3.50
CA VAL A 69 25.65 20.70 -2.36
C VAL A 69 26.17 20.00 -1.12
N LEU A 70 26.64 20.78 -0.14
CA LEU A 70 27.11 20.24 1.13
C LEU A 70 25.92 20.19 2.07
N ASN A 71 25.36 19.00 2.26
CA ASN A 71 24.15 18.83 3.07
C ASN A 71 24.54 18.60 4.52
N SER A 72 24.32 19.61 5.36
CA SER A 72 24.58 19.50 6.79
C SER A 72 23.30 19.25 7.59
N HIS A 73 22.20 18.93 6.90
CA HIS A 73 20.96 18.60 7.60
C HIS A 73 21.17 17.34 8.44
N SER A 74 20.70 17.40 9.69
CA SER A 74 20.93 16.33 10.63
C SER A 74 19.87 15.25 10.52
N THR A 75 20.28 14.00 10.76
CA THR A 75 19.39 12.86 10.79
C THR A 75 19.05 12.42 12.21
N ALA A 76 19.37 13.24 13.21
CA ALA A 76 19.26 12.84 14.60
C ALA A 76 17.82 12.85 15.11
N GLU A 77 16.91 13.54 14.43
CA GLU A 77 15.54 13.63 14.89
C GLU A 77 14.66 12.49 14.40
N THR A 78 15.17 11.65 13.50
CA THR A 78 14.43 10.52 12.98
C THR A 78 14.83 9.21 13.64
N THR A 79 15.61 9.27 14.71
CA THR A 79 15.94 8.08 15.47
C THR A 79 14.73 7.60 16.26
N LEU A 80 14.83 6.39 16.80
CA LEU A 80 13.71 5.83 17.54
C LEU A 80 13.43 6.62 18.81
N ASP A 81 14.47 7.05 19.52
CA ASP A 81 14.26 7.85 20.72
C ASP A 81 13.79 9.26 20.39
N SER A 82 14.22 9.82 19.26
CA SER A 82 13.67 11.08 18.81
C SER A 82 12.22 10.95 18.38
N PHE A 83 11.71 9.73 18.24
CA PHE A 83 10.36 9.47 17.77
C PHE A 83 9.45 8.84 18.81
N PHE A 84 10.01 8.25 19.86
CA PHE A 84 9.23 7.58 20.89
C PHE A 84 9.41 8.14 22.29
N SER A 85 10.42 8.98 22.52
CA SER A 85 10.64 9.56 23.84
C SER A 85 9.78 10.80 24.05
N ARG A 86 8.47 10.63 23.85
CA ARG A 86 7.49 11.68 24.01
C ARG A 86 6.30 11.10 24.73
N ALA A 87 6.02 11.60 25.93
CA ALA A 87 4.91 11.07 26.71
C ALA A 87 3.60 11.22 25.94
N GLY A 88 2.79 10.16 25.97
CA GLY A 88 1.49 10.18 25.33
C GLY A 88 0.47 9.47 26.19
N LEU A 89 -0.77 9.90 26.08
CA LEU A 89 -1.86 9.35 26.88
C LEU A 89 -2.03 7.86 26.58
N VAL A 90 -1.73 7.01 27.55
CA VAL A 90 -1.91 5.58 27.40
C VAL A 90 -3.06 5.04 28.23
N GLY A 91 -3.47 5.72 29.28
CA GLY A 91 -4.56 5.22 30.10
C GLY A 91 -5.35 6.32 30.76
N GLU A 92 -6.59 6.02 31.10
CA GLU A 92 -7.43 6.91 31.89
C GLU A 92 -8.30 6.06 32.80
N ILE A 93 -8.31 6.40 34.09
CA ILE A 93 -9.04 5.68 35.11
C ILE A 93 -9.95 6.67 35.82
N ASP A 94 -11.21 6.28 36.03
CA ASP A 94 -12.19 7.15 36.65
C ASP A 94 -12.64 6.55 37.97
N LEU A 95 -12.53 7.32 39.05
CA LEU A 95 -13.07 6.94 40.35
C LEU A 95 -14.20 7.90 40.69
N PRO A 96 -15.40 7.67 40.17
CA PRO A 96 -16.53 8.54 40.50
C PRO A 96 -17.02 8.29 41.92
N LEU A 97 -17.71 9.29 42.45
CA LEU A 97 -18.26 9.17 43.80
C LEU A 97 -19.48 8.25 43.82
N GLU A 98 -20.38 8.39 42.85
CA GLU A 98 -21.60 7.59 42.77
C GLU A 98 -21.84 7.27 41.29
N GLY A 99 -21.39 6.10 40.88
CA GLY A 99 -21.57 5.65 39.50
C GLY A 99 -21.59 4.15 39.41
N THR A 100 -21.04 3.60 38.33
CA THR A 100 -20.98 2.17 38.13
C THR A 100 -19.61 1.65 37.71
N THR A 101 -18.72 2.51 37.21
CA THR A 101 -17.42 2.04 36.74
C THR A 101 -16.54 1.61 37.91
N ASN A 102 -16.20 2.57 38.78
CA ASN A 102 -15.35 2.31 39.95
C ASN A 102 -15.93 3.06 41.14
N PRO A 103 -17.09 2.63 41.63
CA PRO A 103 -17.78 3.40 42.67
C PRO A 103 -17.22 3.21 44.07
N ASN A 104 -16.33 2.24 44.28
CA ASN A 104 -15.82 1.93 45.61
C ASN A 104 -14.45 2.55 45.86
N GLY A 105 -14.13 3.63 45.16
CA GLY A 105 -12.89 4.34 45.41
C GLY A 105 -11.64 3.57 45.05
N TYR A 106 -11.75 2.54 44.21
CA TYR A 106 -10.58 1.83 43.75
C TYR A 106 -10.84 1.35 42.32
N ALA A 107 -9.75 1.21 41.57
CA ALA A 107 -9.84 0.80 40.18
C ALA A 107 -8.63 -0.04 39.82
N ASN A 108 -8.85 -1.06 39.00
CA ASN A 108 -7.81 -1.90 38.44
C ASN A 108 -7.80 -1.71 36.94
N TRP A 109 -6.62 -1.43 36.38
CA TRP A 109 -6.46 -1.19 34.95
C TRP A 109 -5.42 -2.17 34.42
N ASP A 110 -5.84 -3.08 33.55
CA ASP A 110 -4.89 -3.98 32.90
C ASP A 110 -3.93 -3.16 32.05
N ILE A 111 -2.64 -3.33 32.29
CA ILE A 111 -1.63 -2.50 31.62
C ILE A 111 -1.66 -2.84 30.14
N ASP A 112 -2.18 -1.91 29.33
CA ASP A 112 -2.27 -2.10 27.89
C ASP A 112 -2.25 -0.72 27.24
N ILE A 113 -1.33 -0.50 26.33
CA ILE A 113 -1.14 0.82 25.73
C ILE A 113 -1.82 0.91 24.35
N THR A 114 -2.81 0.06 24.09
CA THR A 114 -3.51 0.04 22.82
C THR A 114 -4.94 0.58 22.93
N GLY A 115 -5.23 1.33 23.99
CA GLY A 115 -6.55 1.92 24.16
C GLY A 115 -6.73 3.27 23.53
N TYR A 116 -5.68 3.87 22.96
CA TYR A 116 -5.75 5.20 22.38
C TYR A 116 -5.04 5.22 21.04
N ALA A 117 -5.63 5.94 20.08
CA ALA A 117 -5.23 5.79 18.69
C ALA A 117 -3.80 6.24 18.44
N GLN A 118 -3.38 7.37 19.03
CA GLN A 118 -2.11 7.98 18.64
C GLN A 118 -0.93 7.10 19.06
N MET A 119 -0.83 6.80 20.34
CA MET A 119 0.29 6.00 20.83
C MET A 119 0.25 4.60 20.21
N ARG A 120 -0.94 4.03 20.05
CA ARG A 120 -1.06 2.70 19.46
C ARG A 120 -0.55 2.69 18.04
N ARG A 121 -0.98 3.65 17.22
CA ARG A 121 -0.54 3.70 15.84
C ARG A 121 0.95 3.97 15.75
N LYS A 122 1.49 4.77 16.66
CA LYS A 122 2.94 4.98 16.68
C LYS A 122 3.68 3.68 16.97
N VAL A 123 3.30 2.98 18.04
CA VAL A 123 4.05 1.80 18.44
C VAL A 123 3.90 0.68 17.43
N GLU A 124 2.71 0.51 16.85
CA GLU A 124 2.46 -0.60 15.95
C GLU A 124 3.12 -0.44 14.59
N LEU A 125 3.87 0.64 14.38
CA LEU A 125 4.69 0.75 13.18
C LEU A 125 5.74 -0.35 13.11
N PHE A 126 6.11 -0.93 14.24
CA PHE A 126 7.07 -2.01 14.31
C PHE A 126 6.41 -3.23 14.95
N THR A 127 6.95 -4.41 14.63
CA THR A 127 6.39 -5.62 15.19
C THR A 127 6.92 -5.89 16.58
N TYR A 128 8.22 -5.71 16.79
CA TYR A 128 8.86 -6.00 18.08
C TYR A 128 9.46 -4.72 18.63
N MET A 129 9.28 -4.50 19.94
CA MET A 129 9.86 -3.33 20.59
C MET A 129 10.35 -3.70 21.98
N ARG A 130 11.56 -3.26 22.30
CA ARG A 130 12.17 -3.44 23.61
C ARG A 130 12.56 -2.06 24.13
N PHE A 131 12.05 -1.69 25.29
CA PHE A 131 12.27 -0.34 25.79
C PHE A 131 11.98 -0.28 27.27
N ASP A 132 12.58 0.71 27.93
CA ASP A 132 12.16 1.12 29.26
C ASP A 132 11.10 2.20 29.12
N ALA A 133 10.33 2.41 30.18
CA ALA A 133 9.22 3.34 30.13
C ALA A 133 9.34 4.35 31.26
N GLU A 134 8.75 5.52 31.04
CA GLU A 134 8.56 6.54 32.07
C GLU A 134 7.07 6.81 32.14
N PHE A 135 6.45 6.42 33.24
CA PHE A 135 5.01 6.57 33.43
C PHE A 135 4.74 7.76 34.32
N THR A 136 3.89 8.67 33.84
CA THR A 136 3.49 9.85 34.59
C THR A 136 1.99 9.77 34.83
N PHE A 137 1.59 10.01 36.07
CA PHE A 137 0.20 9.96 36.50
C PHE A 137 -0.25 11.36 36.86
N VAL A 138 -1.29 11.84 36.18
CA VAL A 138 -1.87 13.15 36.40
C VAL A 138 -3.28 12.93 36.91
N ALA A 139 -3.54 13.30 38.16
CA ALA A 139 -4.83 13.07 38.80
C ALA A 139 -5.53 14.40 39.07
N CYS A 140 -6.84 14.40 38.88
CA CYS A 140 -7.63 15.61 39.13
C CYS A 140 -9.11 15.27 39.01
N THR A 141 -9.94 16.21 39.41
CA THR A 141 -11.38 16.02 39.30
C THR A 141 -11.81 16.08 37.84
N PRO A 142 -13.01 15.58 37.52
CA PRO A 142 -13.48 15.66 36.13
C PRO A 142 -13.46 17.08 35.57
N THR A 143 -13.76 18.08 36.40
CA THR A 143 -13.65 19.46 35.95
C THR A 143 -12.21 19.94 35.85
N GLY A 144 -11.28 19.24 36.49
CA GLY A 144 -9.88 19.63 36.48
C GLY A 144 -9.37 20.26 37.76
N GLN A 145 -10.21 20.36 38.79
CA GLN A 145 -9.77 20.98 40.04
C GLN A 145 -8.73 20.11 40.73
N VAL A 146 -7.85 20.78 41.49
CA VAL A 146 -6.86 20.12 42.32
C VAL A 146 -7.38 20.15 43.74
N VAL A 147 -7.51 18.98 44.34
CA VAL A 147 -8.14 18.84 45.66
C VAL A 147 -7.16 18.12 46.57
N PRO A 148 -7.30 18.29 47.89
CA PRO A 148 -6.40 17.61 48.84
C PRO A 148 -6.83 16.17 49.11
N GLN A 149 -6.41 15.27 48.21
CA GLN A 149 -6.72 13.86 48.31
C GLN A 149 -5.42 13.06 48.25
N LEU A 150 -5.37 11.97 49.02
CA LEU A 150 -4.23 11.07 49.05
C LEU A 150 -4.59 9.81 48.26
N LEU A 151 -3.80 9.50 47.24
CA LEU A 151 -4.02 8.35 46.39
C LEU A 151 -2.84 7.38 46.50
N GLN A 152 -3.14 6.10 46.36
CA GLN A 152 -2.14 5.05 46.31
C GLN A 152 -2.19 4.38 44.95
N TYR A 153 -1.06 4.39 44.26
CA TYR A 153 -0.84 3.63 43.03
C TYR A 153 -0.04 2.38 43.37
N MET A 154 -0.48 1.24 42.87
CA MET A 154 0.21 -0.02 43.09
C MET A 154 0.36 -0.74 41.76
N PHE A 155 1.53 -1.31 41.55
CA PHE A 155 1.77 -2.18 40.41
C PHE A 155 1.66 -3.62 40.86
N VAL A 156 0.78 -4.38 40.22
CA VAL A 156 0.50 -5.76 40.59
C VAL A 156 0.95 -6.65 39.45
N PRO A 157 2.16 -7.20 39.48
CA PRO A 157 2.61 -8.08 38.40
C PRO A 157 1.71 -9.30 38.28
N PRO A 158 1.77 -10.01 37.16
CA PRO A 158 0.91 -11.20 36.99
C PRO A 158 1.24 -12.26 38.04
N GLY A 159 0.23 -12.62 38.83
CA GLY A 159 0.39 -13.58 39.90
C GLY A 159 0.29 -12.98 41.29
N ALA A 160 0.24 -11.67 41.41
CA ALA A 160 0.10 -11.05 42.71
C ALA A 160 -1.38 -10.80 43.03
N PRO A 161 -1.73 -10.72 44.32
CA PRO A 161 -3.15 -10.58 44.69
C PRO A 161 -3.67 -9.20 44.32
N LYS A 162 -4.59 -9.16 43.35
CA LYS A 162 -5.23 -7.90 42.99
C LYS A 162 -6.21 -7.47 44.07
N PRO A 163 -6.20 -6.20 44.48
CA PRO A 163 -7.14 -5.76 45.51
C PRO A 163 -8.57 -5.82 45.02
N GLU A 164 -9.46 -6.36 45.85
CA GLU A 164 -10.88 -6.46 45.54
C GLU A 164 -11.70 -5.33 46.14
N SER A 165 -11.10 -4.49 46.98
CA SER A 165 -11.80 -3.42 47.64
C SER A 165 -10.80 -2.33 48.00
N ARG A 166 -11.33 -1.21 48.49
CA ARG A 166 -10.50 -0.08 48.88
C ARG A 166 -9.71 -0.35 50.15
N GLU A 167 -10.04 -1.41 50.89
CA GLU A 167 -9.37 -1.73 52.15
C GLU A 167 -8.86 -3.16 52.17
N SER A 168 -8.48 -3.69 51.01
CA SER A 168 -8.01 -5.06 50.94
C SER A 168 -6.57 -5.17 51.46
N LEU A 169 -6.16 -6.42 51.71
CA LEU A 169 -4.82 -6.65 52.26
C LEU A 169 -3.73 -6.29 51.27
N ALA A 170 -4.00 -6.43 49.97
CA ALA A 170 -2.97 -6.19 48.97
C ALA A 170 -2.40 -4.78 49.08
N TRP A 171 -3.18 -3.83 49.59
CA TRP A 171 -2.72 -2.45 49.69
C TRP A 171 -1.60 -2.28 50.70
N GLN A 172 -1.31 -3.28 51.53
CA GLN A 172 -0.16 -3.19 52.41
C GLN A 172 1.15 -3.14 51.65
N THR A 173 1.16 -3.56 50.38
CA THR A 173 2.29 -3.40 49.46
C THR A 173 3.62 -3.69 50.15
N ALA A 174 3.71 -4.86 50.78
CA ALA A 174 4.97 -5.26 51.39
C ALA A 174 6.05 -5.44 50.33
N THR A 175 5.70 -5.98 49.15
CA THR A 175 6.66 -6.19 48.08
C THR A 175 6.23 -5.60 46.75
N ASN A 176 4.95 -5.34 46.54
CA ASN A 176 4.52 -4.67 45.31
C ASN A 176 4.96 -3.21 45.35
N PRO A 177 5.67 -2.72 44.32
CA PRO A 177 6.04 -1.29 44.32
C PRO A 177 4.80 -0.41 44.32
N SER A 178 4.85 0.66 45.11
CA SER A 178 3.69 1.53 45.28
C SER A 178 4.16 2.97 45.40
N VAL A 179 3.26 3.88 45.05
CA VAL A 179 3.50 5.32 45.12
C VAL A 179 2.32 5.95 45.85
N PHE A 180 2.60 6.63 46.95
CA PHE A 180 1.61 7.43 47.66
C PHE A 180 1.79 8.88 47.23
N VAL A 181 0.73 9.47 46.66
CA VAL A 181 0.81 10.81 46.11
C VAL A 181 -0.39 11.62 46.59
N LYS A 182 -0.25 12.94 46.53
CA LYS A 182 -1.35 13.86 46.76
C LYS A 182 -1.71 14.54 45.45
N LEU A 183 -3.00 14.84 45.29
CA LEU A 183 -3.42 15.57 44.10
C LEU A 183 -2.81 16.95 44.04
N THR A 184 -2.55 17.57 45.19
CA THR A 184 -1.92 18.87 45.23
C THR A 184 -0.42 18.82 44.92
N ASP A 185 0.18 17.63 44.95
CA ASP A 185 1.55 17.45 44.54
C ASP A 185 1.64 17.46 43.03
N PRO A 186 2.85 17.64 42.48
CA PRO A 186 3.02 17.51 41.03
C PRO A 186 2.64 16.11 40.59
N PRO A 187 2.38 15.91 39.29
CA PRO A 187 2.01 14.56 38.83
C PRO A 187 3.09 13.56 39.16
N ALA A 188 2.67 12.35 39.54
CA ALA A 188 3.62 11.31 39.89
C ALA A 188 4.38 10.87 38.64
N GLN A 189 5.61 10.42 38.82
CA GLN A 189 6.43 9.99 37.69
C GLN A 189 7.40 8.92 38.16
N VAL A 190 7.38 7.76 37.50
CA VAL A 190 8.26 6.65 37.80
C VAL A 190 8.83 6.11 36.50
N SER A 191 9.90 5.31 36.62
CA SER A 191 10.50 4.65 35.48
C SER A 191 10.40 3.14 35.67
N VAL A 192 9.94 2.45 34.63
CA VAL A 192 9.73 1.01 34.64
C VAL A 192 10.75 0.37 33.70
N PRO A 193 11.34 -0.76 34.08
CA PRO A 193 12.26 -1.46 33.18
C PRO A 193 11.50 -2.29 32.14
N PHE A 194 12.28 -2.92 31.26
CA PHE A 194 11.72 -3.90 30.34
C PHE A 194 11.46 -5.19 31.09
N MET A 195 10.19 -5.56 31.26
CA MET A 195 9.80 -6.64 32.15
C MET A 195 9.20 -7.83 31.43
N SER A 196 9.35 -7.92 30.12
CA SER A 196 8.79 -9.05 29.41
C SER A 196 9.66 -10.29 29.63
N PRO A 197 9.04 -11.48 29.68
CA PRO A 197 9.85 -12.71 29.68
C PRO A 197 10.60 -12.94 28.37
N ALA A 198 10.22 -12.26 27.29
CA ALA A 198 10.89 -12.38 26.01
C ALA A 198 11.84 -11.19 25.80
N SER A 199 12.50 -11.18 24.65
CA SER A 199 13.48 -10.14 24.36
C SER A 199 12.84 -8.81 23.95
N ALA A 200 11.55 -8.80 23.61
CA ALA A 200 10.91 -7.56 23.19
C ALA A 200 9.40 -7.72 23.31
N TYR A 201 8.72 -6.58 23.45
CA TYR A 201 7.27 -6.55 23.37
C TYR A 201 6.85 -6.67 21.91
N GLN A 202 5.92 -7.58 21.62
CA GLN A 202 5.37 -7.75 20.29
C GLN A 202 3.91 -7.32 20.31
N TRP A 203 3.60 -6.28 19.54
CA TRP A 203 2.22 -5.82 19.45
C TRP A 203 1.36 -6.75 18.61
N PHE A 204 1.96 -7.71 17.93
CA PHE A 204 1.24 -8.65 17.08
C PHE A 204 1.75 -10.04 17.39
N TYR A 205 0.82 -10.98 17.63
CA TYR A 205 1.14 -12.36 17.95
C TYR A 205 0.26 -13.25 17.08
N ASP A 206 0.81 -13.73 15.97
CA ASP A 206 0.09 -14.61 15.05
C ASP A 206 0.10 -16.02 15.63
N GLY A 207 -0.80 -16.25 16.58
CA GLY A 207 -0.90 -17.58 17.17
C GLY A 207 -1.83 -17.58 18.36
N TYR A 208 -1.84 -18.72 19.05
CA TYR A 208 -2.64 -18.93 20.24
C TYR A 208 -1.75 -19.17 21.44
N PRO A 209 -2.10 -18.60 22.60
CA PRO A 209 -1.22 -18.77 23.77
C PRO A 209 -1.08 -20.23 24.22
N THR A 210 -2.11 -21.05 24.06
CA THR A 210 -2.14 -22.39 24.62
C THR A 210 -2.32 -23.43 23.53
N PHE A 211 -2.21 -24.69 23.93
CA PHE A 211 -2.43 -25.83 23.05
C PHE A 211 -3.90 -26.22 23.08
N GLY A 212 -4.23 -27.37 22.50
CA GLY A 212 -5.58 -27.88 22.54
C GLY A 212 -6.40 -27.43 21.35
N GLU A 213 -7.65 -27.87 21.36
CA GLU A 213 -8.58 -27.48 20.29
C GLU A 213 -8.88 -25.99 20.38
N HIS A 214 -8.95 -25.36 19.22
CA HIS A 214 -9.28 -23.94 19.11
C HIS A 214 -10.66 -23.85 18.46
N LYS A 215 -11.69 -23.92 19.28
CA LYS A 215 -13.06 -23.89 18.79
C LYS A 215 -13.57 -22.45 18.77
N GLN A 216 -14.84 -22.26 18.39
CA GLN A 216 -15.37 -20.92 18.23
C GLN A 216 -15.42 -20.17 19.55
N GLU A 217 -15.58 -20.88 20.67
CA GLU A 217 -15.73 -20.21 21.95
C GLU A 217 -14.45 -19.48 22.34
N LYS A 218 -13.32 -20.17 22.28
CA LYS A 218 -12.03 -19.58 22.67
C LYS A 218 -11.29 -19.00 21.48
N ASP A 219 -11.96 -18.13 20.72
CA ASP A 219 -11.31 -17.39 19.66
C ASP A 219 -10.72 -16.06 20.14
N LEU A 220 -11.25 -15.50 21.22
CA LEU A 220 -10.74 -14.25 21.77
C LEU A 220 -9.29 -14.38 22.25
N GLU A 221 -8.81 -15.59 22.48
CA GLU A 221 -7.42 -15.79 22.88
C GLU A 221 -6.45 -15.72 21.71
N TYR A 222 -6.95 -15.68 20.48
CA TYR A 222 -6.07 -15.52 19.33
C TYR A 222 -5.45 -14.13 19.36
N GLY A 223 -4.13 -14.06 19.22
CA GLY A 223 -3.41 -12.82 19.31
C GLY A 223 -3.02 -12.42 20.71
N ALA A 224 -3.46 -13.16 21.72
CA ALA A 224 -3.13 -12.84 23.11
C ALA A 224 -1.73 -13.36 23.41
N CYS A 225 -0.83 -12.44 23.74
CA CYS A 225 0.55 -12.79 24.06
C CYS A 225 0.79 -12.56 25.54
N PRO A 226 0.97 -13.61 26.35
CA PRO A 226 1.25 -13.37 27.78
C PRO A 226 2.55 -12.63 28.02
N ASN A 227 3.48 -12.64 27.07
CA ASN A 227 4.73 -11.91 27.25
C ASN A 227 4.55 -10.41 27.31
N ASN A 228 3.39 -9.89 26.89
CA ASN A 228 3.10 -8.47 26.98
C ASN A 228 2.19 -8.12 28.14
N MET A 229 1.66 -9.11 28.85
CA MET A 229 0.77 -8.88 29.98
C MET A 229 1.63 -8.60 31.21
N MET A 230 1.98 -7.33 31.39
CA MET A 230 2.89 -6.93 32.45
C MET A 230 2.22 -6.85 33.82
N GLY A 231 0.90 -7.00 33.89
CA GLY A 231 0.19 -7.01 35.15
C GLY A 231 -0.92 -5.98 35.17
N THR A 232 -1.15 -5.41 36.36
CA THR A 232 -2.25 -4.50 36.60
C THR A 232 -1.73 -3.25 37.29
N PHE A 233 -2.42 -2.14 37.06
CA PHE A 233 -2.20 -0.89 37.78
C PHE A 233 -3.43 -0.62 38.62
N SER A 234 -3.28 -0.62 39.93
CA SER A 234 -4.39 -0.40 40.85
C SER A 234 -4.24 0.97 41.49
N VAL A 235 -5.32 1.74 41.49
CA VAL A 235 -5.35 3.06 42.09
C VAL A 235 -6.48 3.10 43.11
N ARG A 236 -6.20 3.58 44.31
CA ARG A 236 -7.23 3.73 45.33
C ARG A 236 -7.06 5.06 46.04
N THR A 237 -8.15 5.51 46.65
CA THR A 237 -8.10 6.60 47.61
C THR A 237 -7.72 6.04 48.97
N VAL A 238 -6.65 6.54 49.55
CA VAL A 238 -6.09 6.00 50.79
C VAL A 238 -7.00 6.44 51.93
N GLY A 239 -7.87 5.54 52.38
CA GLY A 239 -8.76 5.83 53.48
C GLY A 239 -9.80 4.75 53.67
N SER A 240 -10.27 4.56 54.90
CA SER A 240 -11.32 3.58 55.15
C SER A 240 -12.68 4.09 54.71
N SER A 241 -12.87 5.40 54.64
CA SER A 241 -14.13 5.98 54.23
C SER A 241 -14.08 6.40 52.77
N LYS A 242 -15.26 6.56 52.18
CA LYS A 242 -15.36 7.02 50.80
C LYS A 242 -14.76 8.42 50.67
N SER A 243 -14.10 8.66 49.55
CA SER A 243 -13.51 9.96 49.29
C SER A 243 -14.60 11.00 49.04
N LYS A 244 -14.22 12.27 49.20
CA LYS A 244 -15.15 13.37 49.02
C LYS A 244 -15.30 13.82 47.58
N TYR A 245 -14.32 13.52 46.73
CA TYR A 245 -14.26 14.06 45.38
C TYR A 245 -14.22 12.93 44.35
N ALA A 246 -14.87 13.15 43.21
CA ALA A 246 -14.69 12.26 42.06
C ALA A 246 -13.34 12.52 41.42
N LEU A 247 -12.69 11.46 40.97
CA LEU A 247 -11.30 11.54 40.53
C LEU A 247 -11.13 10.95 39.15
N VAL A 248 -10.09 11.41 38.46
CA VAL A 248 -9.67 10.87 37.18
C VAL A 248 -8.15 10.90 37.13
N VAL A 249 -7.55 9.76 36.80
CA VAL A 249 -6.11 9.60 36.72
C VAL A 249 -5.74 9.29 35.29
N ARG A 250 -4.91 10.12 34.69
CA ARG A 250 -4.43 9.94 33.32
C ARG A 250 -2.99 9.45 33.35
N ILE A 251 -2.73 8.37 32.62
CA ILE A 251 -1.43 7.71 32.59
C ILE A 251 -0.80 7.99 31.24
N TYR A 252 0.36 8.64 31.26
CA TYR A 252 1.14 8.94 30.07
C TYR A 252 2.43 8.14 30.10
N MET A 253 2.77 7.53 28.97
CA MET A 253 3.95 6.68 28.86
C MET A 253 4.94 7.32 27.91
N ARG A 254 6.21 7.36 28.32
CA ARG A 254 7.30 7.89 27.50
C ARG A 254 8.35 6.79 27.37
N MET A 255 8.47 6.21 26.19
CA MET A 255 9.45 5.16 25.96
C MET A 255 10.85 5.74 25.87
N LYS A 256 11.83 4.97 26.34
CA LYS A 256 13.22 5.38 26.26
C LYS A 256 14.10 4.14 26.16
N HIS A 257 15.31 4.34 25.66
CA HIS A 257 16.22 3.23 25.36
C HIS A 257 15.57 2.26 24.39
N VAL A 258 14.95 2.80 23.35
CA VAL A 258 14.06 2.04 22.49
C VAL A 258 14.87 1.25 21.46
N ARG A 259 14.41 0.04 21.18
CA ARG A 259 14.88 -0.77 20.07
C ARG A 259 13.67 -1.39 19.40
N ALA A 260 13.68 -1.41 18.08
CA ALA A 260 12.53 -1.89 17.32
C ALA A 260 12.99 -2.83 16.21
N TRP A 261 12.13 -3.79 15.89
CA TRP A 261 12.39 -4.75 14.84
C TRP A 261 11.14 -4.97 14.01
N ILE A 262 11.36 -5.26 12.73
CA ILE A 262 10.31 -5.63 11.78
C ILE A 262 9.32 -4.49 11.57
N PRO A 263 9.69 -3.41 10.90
CA PRO A 263 8.71 -2.39 10.53
C PRO A 263 7.62 -2.98 9.64
N ARG A 264 6.40 -2.50 9.83
CA ARG A 264 5.23 -3.05 9.16
C ARG A 264 4.33 -1.90 8.72
N PRO A 265 3.41 -2.16 7.78
CA PRO A 265 2.52 -1.10 7.31
C PRO A 265 1.73 -0.48 8.46
N MET A 266 1.51 0.83 8.37
CA MET A 266 0.83 1.58 9.42
C MET A 266 -0.68 1.48 9.25
N ARG A 267 -1.39 1.45 10.37
CA ARG A 267 -2.84 1.31 10.35
C ARG A 267 -3.47 2.45 9.56
N ASN A 268 -4.38 2.10 8.65
CA ASN A 268 -5.15 3.07 7.89
C ASN A 268 -6.64 2.97 8.17
N GLN A 269 -7.06 2.04 9.02
CA GLN A 269 -8.45 1.89 9.41
C GLN A 269 -8.61 2.27 10.88
N ASN A 270 -9.82 2.70 11.23
CA ASN A 270 -10.10 3.05 12.61
C ASN A 270 -10.02 1.81 13.50
N TYR A 271 -9.30 1.93 14.61
CA TYR A 271 -9.29 0.86 15.59
C TYR A 271 -10.68 0.71 16.21
N LEU A 272 -11.04 -0.52 16.53
CA LEU A 272 -12.34 -0.82 17.11
C LEU A 272 -12.25 -1.36 18.53
N PHE A 273 -11.28 -2.23 18.81
CA PHE A 273 -11.20 -2.90 20.11
C PHE A 273 -9.76 -2.92 20.58
N LYS A 274 -9.61 -2.93 21.90
CA LYS A 274 -8.29 -2.94 22.51
C LYS A 274 -7.57 -4.24 22.18
N ALA A 275 -6.29 -4.13 21.82
CA ALA A 275 -5.46 -5.28 21.49
C ALA A 275 -6.18 -6.21 20.52
N ASN A 276 -6.52 -5.66 19.37
CA ASN A 276 -7.29 -6.38 18.36
C ASN A 276 -7.20 -5.63 17.03
N PRO A 277 -6.83 -6.31 15.93
CA PRO A 277 -6.73 -5.60 14.64
C PRO A 277 -8.05 -5.53 13.89
N ASN A 278 -9.15 -5.79 14.58
CA ASN A 278 -10.46 -5.73 13.94
C ASN A 278 -10.70 -4.37 13.30
N TYR A 279 -11.50 -4.37 12.23
CA TYR A 279 -11.85 -3.15 11.53
C TYR A 279 -13.26 -3.29 10.99
N ALA A 280 -13.94 -2.15 10.83
CA ALA A 280 -15.29 -2.14 10.27
C ALA A 280 -15.23 -2.57 8.81
N GLY A 281 -15.80 -3.73 8.50
CA GLY A 281 -15.74 -4.25 7.14
C GLY A 281 -16.63 -3.52 6.16
N ASP A 282 -17.64 -2.82 6.64
CA ASP A 282 -18.55 -2.06 5.79
C ASP A 282 -18.19 -0.57 5.75
N SER A 283 -17.03 -0.19 6.29
CA SER A 283 -16.60 1.19 6.29
C SER A 283 -15.14 1.32 5.85
N ILE A 284 -14.66 0.37 5.05
CA ILE A 284 -13.27 0.42 4.59
C ILE A 284 -13.08 1.69 3.78
N LYS A 285 -12.11 2.50 4.17
CA LYS A 285 -11.85 3.77 3.52
C LYS A 285 -10.49 3.77 2.83
N PRO A 286 -10.33 4.50 1.74
CA PRO A 286 -9.01 4.61 1.13
C PRO A 286 -8.03 5.31 2.06
N THR A 287 -6.75 4.96 1.92
CA THR A 287 -5.74 5.49 2.83
C THR A 287 -5.71 7.01 2.83
N GLY A 288 -5.87 7.63 1.66
CA GLY A 288 -5.86 9.07 1.55
C GLY A 288 -7.11 9.61 0.89
N THR A 289 -7.06 10.88 0.47
CA THR A 289 -8.20 11.50 -0.18
C THR A 289 -8.26 11.05 -1.64
N SER A 290 -9.39 11.36 -2.28
CA SER A 290 -9.65 10.96 -3.65
C SER A 290 -9.88 12.21 -4.51
N ARG A 291 -10.01 11.98 -5.82
CA ARG A 291 -10.26 13.05 -6.77
C ARG A 291 -11.10 12.50 -7.91
N ASN A 292 -11.75 13.40 -8.64
CA ASN A 292 -12.67 12.97 -9.68
C ASN A 292 -11.95 12.27 -10.83
N ALA A 293 -10.80 12.80 -11.25
CA ALA A 293 -10.09 12.28 -12.41
C ALA A 293 -8.60 12.21 -12.11
N ILE A 294 -7.90 11.36 -12.88
CA ILE A 294 -6.47 11.19 -12.73
C ILE A 294 -5.67 12.19 -13.54
N THR A 295 -6.32 13.18 -14.15
CA THR A 295 -5.66 14.14 -15.02
C THR A 295 -5.99 15.58 -14.67
N THR A 296 -6.51 15.85 -13.48
CA THR A 296 -7.00 17.17 -13.12
C THR A 296 -6.47 17.70 -11.79
N LEU A 297 -6.06 16.83 -10.88
CA LEU A 297 -5.64 17.25 -9.54
C LEU A 297 -6.78 17.90 -8.77
N SER B 10 23.24 -14.01 -16.26
CA SER B 10 23.96 -14.32 -15.03
C SER B 10 23.09 -14.05 -13.81
N ASP B 11 21.88 -13.53 -14.05
CA ASP B 11 20.96 -13.19 -12.97
C ASP B 11 19.53 -13.67 -13.19
N ARG B 12 19.14 -14.02 -14.41
CA ARG B 12 17.79 -14.50 -14.68
C ARG B 12 17.67 -16.01 -14.57
N VAL B 13 18.77 -16.74 -14.68
CA VAL B 13 18.77 -18.19 -14.53
C VAL B 13 19.33 -18.52 -13.16
N ALA B 14 18.63 -19.40 -12.44
CA ALA B 14 19.02 -19.76 -11.10
C ALA B 14 18.65 -21.21 -10.83
N GLN B 15 19.42 -21.83 -9.94
CA GLN B 15 19.16 -23.20 -9.51
C GLN B 15 19.28 -23.25 -7.99
N LEU B 16 18.15 -23.45 -7.32
CA LEU B 16 18.10 -23.56 -5.87
C LEU B 16 18.09 -25.05 -5.52
N THR B 17 19.21 -25.52 -4.98
CA THR B 17 19.37 -26.92 -4.60
C THR B 17 19.46 -27.00 -3.09
N ILE B 18 18.62 -27.84 -2.49
CA ILE B 18 18.69 -28.09 -1.05
C ILE B 18 18.13 -29.46 -0.77
N GLY B 19 18.77 -30.18 0.15
CA GLY B 19 18.36 -31.54 0.43
C GLY B 19 18.42 -32.38 -0.84
N ASN B 20 17.34 -33.10 -1.10
CA ASN B 20 17.20 -33.90 -2.32
C ASN B 20 16.28 -33.22 -3.33
N SER B 21 16.23 -31.89 -3.32
CA SER B 21 15.32 -31.15 -4.19
C SER B 21 16.08 -30.04 -4.90
N THR B 22 15.69 -29.80 -6.15
CA THR B 22 16.28 -28.75 -6.98
C THR B 22 15.17 -28.01 -7.71
N ILE B 23 15.32 -26.70 -7.82
CA ILE B 23 14.42 -25.86 -8.59
C ILE B 23 15.26 -25.06 -9.57
N THR B 24 15.03 -25.29 -10.87
CA THR B 24 15.67 -24.50 -11.92
C THR B 24 14.66 -23.52 -12.49
N THR B 25 15.09 -22.26 -12.62
CA THR B 25 14.24 -21.23 -13.19
C THR B 25 15.06 -20.40 -14.16
N GLN B 26 14.48 -20.13 -15.33
CA GLN B 26 15.16 -19.40 -16.38
C GLN B 26 14.63 -17.98 -16.56
N GLU B 27 13.53 -17.63 -15.92
CA GLU B 27 12.97 -16.29 -15.98
C GLU B 27 12.89 -15.71 -14.57
N ALA B 28 13.95 -15.90 -13.80
CA ALA B 28 14.02 -15.39 -12.44
C ALA B 28 14.44 -13.92 -12.45
N ALA B 29 14.32 -13.29 -11.27
CA ALA B 29 14.76 -11.92 -11.09
C ALA B 29 15.97 -11.85 -10.18
N ASN B 30 15.87 -12.39 -8.97
CA ASN B 30 16.97 -12.40 -8.02
C ASN B 30 16.54 -13.19 -6.79
N ILE B 31 17.42 -13.31 -5.80
CA ILE B 31 17.06 -13.87 -4.50
C ILE B 31 16.99 -12.71 -3.51
N ILE B 32 15.84 -12.55 -2.87
CA ILE B 32 15.68 -11.57 -1.81
C ILE B 32 15.96 -12.26 -0.48
N VAL B 33 16.99 -11.80 0.22
CA VAL B 33 17.30 -12.29 1.56
C VAL B 33 16.64 -11.36 2.55
N GLY B 34 15.63 -11.85 3.25
CA GLY B 34 14.85 -11.03 4.15
C GLY B 34 15.69 -10.32 5.18
N TYR B 35 15.62 -8.99 5.19
CA TYR B 35 16.33 -8.15 6.16
C TYR B 35 17.84 -8.38 6.10
N GLY B 36 18.34 -8.78 4.95
CA GLY B 36 19.77 -8.96 4.76
C GLY B 36 20.40 -9.93 5.75
N GLU B 37 19.63 -10.88 6.26
CA GLU B 37 20.10 -11.83 7.25
C GLU B 37 19.83 -13.24 6.75
N TRP B 38 20.88 -14.05 6.68
CA TRP B 38 20.71 -15.44 6.30
C TRP B 38 20.25 -16.26 7.50
N PRO B 39 19.51 -17.34 7.29
CA PRO B 39 19.16 -18.22 8.42
C PRO B 39 20.40 -18.81 9.06
N SER B 40 20.35 -18.94 10.38
CA SER B 40 21.42 -19.55 11.15
C SER B 40 20.81 -20.37 12.28
N TYR B 41 21.64 -21.20 12.90
CA TYR B 41 21.23 -21.96 14.06
C TYR B 41 21.34 -21.12 15.32
N CYS B 42 20.56 -21.50 16.33
CA CYS B 42 20.56 -20.74 17.58
C CYS B 42 21.91 -20.85 18.27
N SER B 43 22.45 -19.72 18.70
CA SER B 43 23.75 -19.70 19.34
C SER B 43 23.64 -20.16 20.79
N ASP B 44 24.80 -20.49 21.37
CA ASP B 44 24.84 -20.91 22.77
C ASP B 44 24.44 -19.80 23.73
N ASP B 45 24.83 -18.56 23.45
CA ASP B 45 24.46 -17.45 24.31
C ASP B 45 22.97 -17.14 24.21
N ASP B 46 22.43 -17.15 22.99
CA ASP B 46 21.00 -16.92 22.80
C ASP B 46 20.16 -18.12 23.19
N ALA B 47 20.75 -19.30 23.34
CA ALA B 47 19.99 -20.49 23.68
C ALA B 47 19.37 -20.36 25.05
N THR B 48 18.14 -20.86 25.19
CA THR B 48 17.42 -20.89 26.46
C THR B 48 17.27 -22.32 26.97
N ALA B 49 16.68 -23.20 26.17
CA ALA B 49 16.53 -24.59 26.57
C ALA B 49 17.88 -25.27 26.68
N VAL B 50 18.03 -26.11 27.70
CA VAL B 50 19.31 -26.76 27.98
C VAL B 50 19.46 -28.10 27.30
N ASP B 51 18.37 -28.70 26.83
CA ASP B 51 18.45 -29.97 26.13
C ASP B 51 19.05 -29.79 24.75
N LYS B 52 19.68 -30.85 24.26
CA LYS B 52 20.35 -30.80 22.97
C LYS B 52 19.33 -30.83 21.84
N PRO B 53 19.27 -29.83 20.96
CA PRO B 53 18.33 -29.87 19.85
C PRO B 53 18.75 -30.88 18.80
N THR B 54 17.77 -31.35 18.04
CA THR B 54 18.00 -32.26 16.93
C THR B 54 18.00 -31.49 15.62
N ARG B 55 18.94 -31.83 14.74
CA ARG B 55 19.12 -31.14 13.46
C ARG B 55 19.02 -32.18 12.35
N PRO B 56 17.81 -32.48 11.88
CA PRO B 56 17.63 -33.53 10.86
C PRO B 56 17.89 -33.04 9.44
N ASP B 57 18.68 -31.97 9.32
CA ASP B 57 18.62 -31.05 8.18
C ASP B 57 18.27 -31.67 6.85
N VAL B 58 18.96 -32.75 6.44
CA VAL B 58 18.73 -33.27 5.09
C VAL B 58 17.29 -33.70 4.90
N SER B 59 16.69 -34.34 5.90
CA SER B 59 15.34 -34.87 5.78
C SER B 59 14.26 -33.80 5.93
N VAL B 60 14.59 -32.65 6.51
CA VAL B 60 13.61 -31.58 6.69
C VAL B 60 13.93 -30.36 5.83
N ASN B 61 15.21 -30.02 5.65
CA ASN B 61 15.59 -28.86 4.86
C ASN B 61 15.58 -29.26 3.39
N ARG B 62 14.38 -29.22 2.81
CA ARG B 62 14.17 -29.57 1.41
C ARG B 62 12.93 -28.84 0.92
N PHE B 63 12.78 -28.78 -0.39
CA PHE B 63 11.68 -28.05 -1.01
C PHE B 63 10.42 -28.92 -1.03
N TYR B 64 9.40 -28.49 -0.28
CA TYR B 64 8.08 -29.07 -0.34
C TYR B 64 7.20 -28.17 -1.21
N THR B 65 6.47 -28.76 -2.14
CA THR B 65 5.55 -28.03 -2.99
C THR B 65 4.16 -28.06 -2.37
N LEU B 66 3.61 -26.87 -2.12
CA LEU B 66 2.28 -26.76 -1.53
C LEU B 66 1.23 -26.84 -2.63
N ASP B 67 -0.01 -26.49 -2.29
CA ASP B 67 -1.11 -26.55 -3.25
C ASP B 67 -0.89 -25.59 -4.40
N THR B 68 -1.79 -25.60 -5.37
CA THR B 68 -1.71 -24.74 -6.54
C THR B 68 -2.99 -23.91 -6.63
N LYS B 69 -2.85 -22.60 -6.60
CA LYS B 69 -3.99 -21.71 -6.80
C LYS B 69 -4.13 -21.38 -8.27
N LEU B 70 -5.31 -20.90 -8.66
CA LEU B 70 -5.59 -20.52 -10.03
C LEU B 70 -5.77 -19.01 -10.10
N TRP B 71 -4.82 -18.33 -10.73
CA TRP B 71 -4.92 -16.89 -10.93
C TRP B 71 -5.98 -16.59 -11.97
N GLU B 72 -6.98 -15.82 -11.58
CA GLU B 72 -8.06 -15.41 -12.46
C GLU B 72 -8.00 -13.91 -12.66
N LYS B 73 -8.92 -13.39 -13.45
CA LYS B 73 -8.99 -11.95 -13.68
C LYS B 73 -9.65 -11.20 -12.54
N SER B 74 -10.31 -11.91 -11.61
CA SER B 74 -10.95 -11.30 -10.47
C SER B 74 -10.40 -11.83 -9.14
N SER B 75 -9.24 -12.48 -9.17
CA SER B 75 -8.66 -13.02 -7.95
C SER B 75 -8.26 -11.90 -7.01
N LYS B 76 -8.55 -12.08 -5.72
CA LYS B 76 -8.25 -11.07 -4.72
C LYS B 76 -6.89 -11.29 -4.05
N GLY B 77 -6.44 -12.53 -3.96
CA GLY B 77 -5.19 -12.85 -3.30
C GLY B 77 -5.38 -13.92 -2.24
N TRP B 78 -4.25 -14.45 -1.79
CA TRP B 78 -4.24 -15.54 -0.82
C TRP B 78 -3.11 -15.30 0.16
N TYR B 79 -3.24 -15.92 1.34
CA TYR B 79 -2.17 -15.89 2.32
C TYR B 79 -2.02 -17.28 2.95
N TRP B 80 -0.76 -17.64 3.18
CA TRP B 80 -0.40 -18.84 3.93
C TRP B 80 0.32 -18.43 5.21
N LYS B 81 0.33 -19.32 6.19
CA LYS B 81 0.96 -19.05 7.48
C LYS B 81 2.10 -20.05 7.70
N PHE B 82 3.26 -19.55 8.12
CA PHE B 82 4.41 -20.39 8.33
C PHE B 82 4.74 -20.48 9.83
N PRO B 83 5.12 -21.66 10.35
CA PRO B 83 5.32 -22.93 9.67
C PRO B 83 4.05 -23.78 9.59
N ASP B 84 2.89 -23.14 9.67
CA ASP B 84 1.63 -23.88 9.68
C ASP B 84 1.42 -24.68 8.41
N VAL B 85 2.01 -24.26 7.29
CA VAL B 85 1.81 -24.98 6.04
C VAL B 85 2.46 -26.35 6.08
N LEU B 86 3.61 -26.49 6.71
CA LEU B 86 4.37 -27.72 6.73
C LEU B 86 4.14 -28.57 7.96
N THR B 87 3.23 -28.18 8.84
CA THR B 87 3.04 -28.93 10.08
C THR B 87 2.52 -30.34 9.85
N GLU B 88 2.02 -30.65 8.65
CA GLU B 88 1.47 -31.97 8.36
C GLU B 88 2.17 -32.65 7.19
N THR B 89 3.34 -32.16 6.78
CA THR B 89 4.00 -32.62 5.56
C THR B 89 5.38 -33.17 5.89
N GLY B 90 5.54 -34.48 5.73
CA GLY B 90 6.85 -35.09 5.71
C GLY B 90 7.55 -35.13 7.07
N VAL B 91 8.86 -35.33 6.99
CA VAL B 91 9.68 -35.43 8.19
C VAL B 91 9.65 -34.14 8.98
N PHE B 92 9.59 -32.99 8.30
CA PHE B 92 9.49 -31.72 8.99
C PHE B 92 8.22 -31.67 9.83
N GLY B 93 7.09 -32.08 9.25
CA GLY B 93 5.85 -32.10 10.00
C GLY B 93 5.90 -33.05 11.17
N GLN B 94 6.49 -34.23 10.97
CA GLN B 94 6.60 -35.19 12.07
C GLN B 94 7.45 -34.63 13.20
N ASN B 95 8.58 -34.00 12.86
CA ASN B 95 9.42 -33.41 13.90
C ASN B 95 8.69 -32.28 14.62
N ALA B 96 7.94 -31.46 13.88
CA ALA B 96 7.20 -30.38 14.52
C ALA B 96 6.15 -30.93 15.48
N GLN B 97 5.47 -32.00 15.10
CA GLN B 97 4.46 -32.58 15.98
C GLN B 97 5.08 -33.28 17.19
N PHE B 98 6.23 -33.93 17.02
CA PHE B 98 6.86 -34.65 18.12
C PHE B 98 7.63 -33.74 19.06
N HIS B 99 7.98 -32.53 18.64
CA HIS B 99 8.78 -31.63 19.45
C HIS B 99 7.97 -30.41 19.85
N TYR B 100 8.34 -29.83 20.99
CA TYR B 100 7.63 -28.66 21.52
C TYR B 100 8.21 -27.36 20.97
N LEU B 101 9.53 -27.31 20.78
CA LEU B 101 10.23 -26.11 20.33
C LEU B 101 10.79 -26.32 18.93
N TYR B 102 10.55 -25.35 18.05
CA TYR B 102 11.01 -25.40 16.68
C TYR B 102 11.66 -24.08 16.30
N ARG B 103 12.61 -24.15 15.37
CA ARG B 103 13.30 -22.95 14.90
C ARG B 103 13.81 -23.19 13.49
N SER B 104 13.56 -22.25 12.57
CA SER B 104 14.11 -22.39 11.23
C SER B 104 13.79 -21.14 10.41
N GLY B 105 14.62 -20.91 9.40
CA GLY B 105 14.29 -19.97 8.34
C GLY B 105 13.65 -20.70 7.17
N PHE B 106 13.31 -19.92 6.14
CA PHE B 106 12.65 -20.48 4.98
C PHE B 106 13.23 -19.89 3.70
N CYS B 107 13.17 -20.69 2.64
CA CYS B 107 13.37 -20.23 1.28
C CYS B 107 12.06 -20.49 0.53
N ILE B 108 11.32 -19.43 0.25
CA ILE B 108 10.02 -19.51 -0.39
C ILE B 108 10.19 -19.20 -1.86
N HIS B 109 9.57 -20.02 -2.71
CA HIS B 109 9.67 -19.88 -4.16
C HIS B 109 8.25 -19.96 -4.72
N VAL B 110 7.75 -18.84 -5.21
CA VAL B 110 6.44 -18.77 -5.83
C VAL B 110 6.63 -18.81 -7.34
N GLN B 111 5.89 -19.69 -8.00
CA GLN B 111 6.04 -19.95 -9.43
C GLN B 111 4.75 -19.63 -10.14
N CYS B 112 4.86 -18.87 -11.24
CA CYS B 112 3.69 -18.53 -12.04
C CYS B 112 4.19 -18.22 -13.45
N ASN B 113 4.05 -19.19 -14.35
CA ASN B 113 4.47 -19.02 -15.73
C ASN B 113 3.26 -18.74 -16.62
N ALA B 114 3.44 -17.80 -17.55
CA ALA B 114 2.45 -17.50 -18.56
C ALA B 114 3.17 -17.24 -19.88
N SER B 115 2.41 -17.01 -20.93
CA SER B 115 3.00 -16.73 -22.23
C SER B 115 3.48 -15.28 -22.27
N LYS B 116 4.13 -14.92 -23.37
CA LYS B 116 4.60 -13.55 -23.55
C LYS B 116 3.49 -12.61 -23.98
N PHE B 117 2.27 -13.10 -24.14
CA PHE B 117 1.11 -12.27 -24.43
C PHE B 117 0.20 -12.07 -23.23
N HIS B 118 0.45 -12.78 -22.12
CA HIS B 118 -0.26 -12.51 -20.88
C HIS B 118 0.36 -11.31 -20.17
N GLN B 119 -0.45 -10.66 -19.34
CA GLN B 119 0.03 -9.53 -18.56
C GLN B 119 -0.59 -9.59 -17.17
N GLY B 120 0.15 -9.09 -16.20
CA GLY B 120 -0.28 -9.11 -14.82
C GLY B 120 0.89 -9.03 -13.88
N ALA B 121 0.61 -8.59 -12.66
CA ALA B 121 1.64 -8.42 -11.64
C ALA B 121 1.12 -8.99 -10.33
N LEU B 122 1.87 -9.94 -9.76
CA LEU B 122 1.61 -10.46 -8.42
C LEU B 122 2.64 -9.88 -7.47
N LEU B 123 2.19 -9.39 -6.32
CA LEU B 123 3.07 -9.03 -5.23
C LEU B 123 3.14 -10.21 -4.27
N VAL B 124 4.34 -10.73 -4.06
CA VAL B 124 4.60 -11.83 -3.14
C VAL B 124 5.39 -11.22 -1.98
N ALA B 125 4.78 -11.16 -0.81
CA ALA B 125 5.37 -10.53 0.36
C ALA B 125 5.34 -11.47 1.55
N ILE B 126 6.21 -11.20 2.52
CA ILE B 126 6.25 -11.93 3.77
C ILE B 126 6.02 -10.93 4.88
N LEU B 127 4.88 -11.06 5.57
CA LEU B 127 4.55 -10.17 6.67
C LEU B 127 4.71 -10.93 7.98
N PRO B 128 5.70 -10.60 8.81
CA PRO B 128 5.83 -11.28 10.09
C PRO B 128 4.68 -10.94 11.04
N GLU B 129 4.28 -11.92 11.84
CA GLU B 129 3.21 -11.74 12.83
C GLU B 129 1.95 -11.23 12.15
N TYR B 130 1.56 -11.90 11.07
CA TYR B 130 0.39 -11.49 10.29
C TYR B 130 -0.90 -11.84 11.03
N VAL B 131 -1.37 -10.95 11.88
CA VAL B 131 -2.61 -11.18 12.62
C VAL B 131 -3.78 -10.81 11.73
N ILE B 132 -4.76 -11.71 11.64
CA ILE B 132 -5.92 -11.51 10.77
C ILE B 132 -7.01 -10.81 11.57
N GLY B 133 -7.54 -9.74 10.99
CA GLY B 133 -8.61 -8.99 11.60
C GLY B 133 -9.96 -9.33 11.00
N THR B 134 -10.99 -9.31 11.84
CA THR B 134 -12.35 -9.59 11.42
C THR B 134 -13.05 -8.30 11.03
N VAL B 135 -14.16 -8.44 10.29
CA VAL B 135 -14.97 -7.30 9.90
C VAL B 135 -15.77 -6.73 11.05
N ALA B 136 -15.68 -7.32 12.24
CA ALA B 136 -16.36 -6.81 13.43
C ALA B 136 -17.84 -6.63 13.19
N GLY B 137 -18.44 -7.66 12.56
CA GLY B 137 -19.85 -7.61 12.28
C GLY B 137 -20.25 -6.62 11.20
N GLY B 138 -19.31 -6.18 10.38
CA GLY B 138 -19.61 -5.25 9.32
C GLY B 138 -19.55 -3.80 9.76
N THR B 139 -20.40 -3.43 10.72
CA THR B 139 -20.48 -2.05 11.19
C THR B 139 -19.41 -1.70 12.22
N GLY B 140 -18.68 -2.69 12.73
CA GLY B 140 -17.65 -2.42 13.71
C GLY B 140 -18.16 -2.29 15.13
N THR B 141 -19.04 -3.17 15.56
CA THR B 141 -19.60 -3.15 16.91
C THR B 141 -19.35 -4.43 17.68
N GLU B 142 -19.29 -5.57 17.01
CA GLU B 142 -19.07 -6.85 17.66
C GLU B 142 -17.60 -7.21 17.63
N ASP B 143 -17.05 -7.57 18.79
CA ASP B 143 -15.64 -7.92 18.91
C ASP B 143 -15.45 -9.38 18.48
N SER B 144 -15.74 -9.63 17.22
CA SER B 144 -15.58 -10.96 16.65
C SER B 144 -14.10 -11.26 16.43
N HIS B 145 -13.78 -12.55 16.37
CA HIS B 145 -12.43 -13.01 16.11
C HIS B 145 -12.45 -14.05 15.01
N PRO B 146 -11.38 -14.14 14.21
CA PRO B 146 -11.38 -15.09 13.11
C PRO B 146 -11.38 -16.51 13.61
N PRO B 147 -11.95 -17.45 12.86
CA PRO B 147 -11.92 -18.86 13.28
C PRO B 147 -10.55 -19.49 13.12
N TYR B 148 -10.40 -20.73 13.56
CA TYR B 148 -9.11 -21.39 13.50
C TYR B 148 -8.69 -21.69 12.06
N ILE B 149 -9.64 -22.00 11.19
CA ILE B 149 -9.31 -22.26 9.80
C ILE B 149 -8.81 -21.00 9.10
N GLN B 150 -9.36 -19.83 9.46
CA GLN B 150 -8.95 -18.58 8.84
C GLN B 150 -7.60 -18.09 9.35
N THR B 151 -7.25 -18.40 10.60
CA THR B 151 -5.96 -17.98 11.14
C THR B 151 -4.85 -18.96 10.84
N GLN B 152 -5.16 -20.25 10.75
CA GLN B 152 -4.20 -21.28 10.36
C GLN B 152 -4.81 -22.13 9.27
N PRO B 153 -4.82 -21.64 8.03
CA PRO B 153 -5.44 -22.39 6.94
C PRO B 153 -4.62 -23.58 6.45
N GLY B 154 -3.41 -23.78 6.94
CA GLY B 154 -2.62 -24.92 6.54
C GLY B 154 -2.05 -24.77 5.14
N ALA B 155 -1.67 -25.92 4.57
CA ALA B 155 -1.04 -25.92 3.26
C ALA B 155 -1.96 -25.40 2.17
N ASP B 156 -3.27 -25.51 2.35
CA ASP B 156 -4.22 -25.06 1.34
C ASP B 156 -4.30 -23.54 1.25
N GLY B 157 -4.03 -22.82 2.33
CA GLY B 157 -4.07 -21.37 2.31
C GLY B 157 -5.49 -20.84 2.43
N PHE B 158 -5.58 -19.52 2.49
CA PHE B 158 -6.86 -18.83 2.63
C PHE B 158 -6.89 -17.65 1.68
N GLU B 159 -8.07 -17.35 1.15
CA GLU B 159 -8.24 -16.28 0.19
C GLU B 159 -8.64 -14.99 0.88
N LEU B 160 -7.99 -13.90 0.49
CA LEU B 160 -8.26 -12.60 1.10
C LEU B 160 -9.67 -12.13 0.75
N GLN B 161 -10.36 -11.60 1.75
CA GLN B 161 -11.67 -11.00 1.54
C GLN B 161 -11.56 -9.52 1.18
N HIS B 162 -10.64 -8.81 1.81
CA HIS B 162 -10.38 -7.40 1.55
C HIS B 162 -8.88 -7.22 1.35
N PRO B 163 -8.37 -7.55 0.15
CA PRO B 163 -6.92 -7.44 -0.06
C PRO B 163 -6.39 -6.03 0.12
N TYR B 164 -7.22 -5.01 -0.02
CA TYR B 164 -6.75 -3.64 0.14
C TYR B 164 -6.24 -3.39 1.55
N VAL B 165 -6.95 -3.91 2.56
CA VAL B 165 -6.55 -3.76 3.95
C VAL B 165 -5.87 -5.03 4.47
N LEU B 166 -5.62 -6.01 3.60
CA LEU B 166 -4.95 -7.24 3.99
C LEU B 166 -5.70 -7.99 5.09
N ASP B 167 -7.02 -7.82 5.15
CA ASP B 167 -7.86 -8.44 6.16
C ASP B 167 -7.40 -8.12 7.58
N ALA B 168 -6.60 -7.06 7.74
CA ALA B 168 -6.08 -6.68 9.04
C ALA B 168 -6.15 -5.19 9.30
N GLY B 169 -6.68 -4.39 8.39
CA GLY B 169 -6.76 -2.97 8.56
C GLY B 169 -5.50 -2.20 8.24
N ILE B 170 -4.52 -2.83 7.59
CA ILE B 170 -3.29 -2.15 7.20
C ILE B 170 -3.24 -2.07 5.68
N PRO B 171 -2.68 -0.99 5.12
CA PRO B 171 -2.74 -0.81 3.67
C PRO B 171 -1.88 -1.81 2.92
N ILE B 172 -2.40 -2.29 1.79
CA ILE B 172 -1.61 -3.12 0.90
C ILE B 172 -0.49 -2.31 0.26
N SER B 173 -0.72 -1.02 0.04
CA SER B 173 0.24 -0.19 -0.66
C SER B 173 1.61 -0.16 0.03
N GLN B 174 1.65 -0.31 1.35
CA GLN B 174 2.88 -0.29 2.10
C GLN B 174 3.44 -1.68 2.38
N LEU B 175 2.82 -2.72 1.83
CA LEU B 175 3.28 -4.08 2.06
C LEU B 175 4.66 -4.33 1.48
N THR B 176 5.16 -3.44 0.62
CA THR B 176 6.53 -3.56 0.14
C THR B 176 7.56 -3.20 1.22
N VAL B 177 7.12 -2.74 2.38
CA VAL B 177 8.04 -2.48 3.48
C VAL B 177 8.70 -3.76 3.96
N CYS B 178 8.07 -4.91 3.72
CA CYS B 178 8.58 -6.21 4.14
C CYS B 178 9.30 -6.89 2.98
N PRO B 179 10.05 -7.95 3.26
CA PRO B 179 10.72 -8.68 2.16
C PRO B 179 9.70 -9.18 1.16
N HIS B 180 9.94 -8.87 -0.12
CA HIS B 180 8.93 -9.09 -1.14
C HIS B 180 9.58 -9.18 -2.50
N GLN B 181 8.77 -9.55 -3.48
CA GLN B 181 9.12 -9.48 -4.89
C GLN B 181 7.85 -9.33 -5.71
N TRP B 182 8.02 -9.00 -6.97
CA TRP B 182 6.92 -8.92 -7.93
C TRP B 182 7.14 -9.97 -9.01
N ILE B 183 6.11 -10.79 -9.25
CA ILE B 183 6.06 -11.64 -10.42
C ILE B 183 5.31 -10.83 -11.48
N ASN B 184 6.06 -10.20 -12.37
CA ASN B 184 5.50 -9.48 -13.51
C ASN B 184 5.64 -10.39 -14.72
N LEU B 185 4.50 -10.78 -15.31
CA LEU B 185 4.51 -11.85 -16.28
C LEU B 185 5.39 -11.53 -17.49
N ARG B 186 5.57 -10.24 -17.81
CA ARG B 186 6.44 -9.88 -18.92
C ARG B 186 7.91 -9.96 -18.56
N THR B 187 8.25 -9.99 -17.27
CA THR B 187 9.64 -9.97 -16.82
C THR B 187 10.08 -11.28 -16.20
N ASN B 188 9.39 -11.75 -15.17
CA ASN B 188 9.77 -12.97 -14.47
C ASN B 188 8.54 -13.80 -14.19
N ASN B 189 8.75 -15.11 -14.05
CA ASN B 189 7.68 -16.05 -13.72
C ASN B 189 7.91 -16.72 -12.38
N CYS B 190 8.87 -16.26 -11.58
CA CYS B 190 9.11 -16.83 -10.27
C CYS B 190 9.64 -15.75 -9.34
N ALA B 191 9.45 -15.99 -8.05
CA ALA B 191 9.91 -15.08 -7.01
C ALA B 191 10.49 -15.90 -5.88
N THR B 192 11.67 -15.53 -5.40
CA THR B 192 12.37 -16.28 -4.36
C THR B 192 12.72 -15.34 -3.21
N ILE B 193 12.23 -15.66 -2.02
CA ILE B 193 12.51 -14.89 -0.81
C ILE B 193 13.12 -15.83 0.22
N ILE B 194 14.31 -15.51 0.70
CA ILE B 194 14.94 -16.23 1.79
C ILE B 194 14.74 -15.41 3.05
N VAL B 195 13.92 -15.92 3.96
CA VAL B 195 13.57 -15.22 5.19
C VAL B 195 14.24 -15.93 6.35
N PRO B 196 14.87 -15.22 7.28
CA PRO B 196 15.46 -15.87 8.46
C PRO B 196 14.39 -16.17 9.49
N TYR B 197 14.82 -16.74 10.61
CA TYR B 197 13.91 -17.00 11.72
C TYR B 197 13.67 -15.71 12.49
N MET B 198 12.44 -15.22 12.47
CA MET B 198 12.07 -13.97 13.13
C MET B 198 11.15 -14.29 14.30
N ASN B 199 11.58 -13.90 15.50
CA ASN B 199 10.78 -14.10 16.70
C ASN B 199 11.50 -13.44 17.86
N THR B 200 10.73 -13.06 18.88
CA THR B 200 11.30 -12.55 20.12
C THR B 200 11.92 -13.63 20.98
N LEU B 201 11.72 -14.91 20.63
CA LEU B 201 12.24 -16.03 21.37
C LEU B 201 13.20 -16.83 20.51
N PRO B 202 14.26 -17.39 21.10
CA PRO B 202 15.17 -18.23 20.29
C PRO B 202 14.48 -19.43 19.67
N PHE B 203 13.51 -20.01 20.39
CA PHE B 203 12.72 -21.13 19.90
C PHE B 203 11.26 -20.84 20.16
N ASP B 204 10.39 -21.61 19.50
CA ASP B 204 8.96 -21.44 19.67
C ASP B 204 8.26 -22.69 19.16
N SER B 205 6.97 -22.77 19.45
CA SER B 205 6.15 -23.90 19.00
C SER B 205 5.71 -23.68 17.56
N ALA B 206 5.83 -24.72 16.74
CA ALA B 206 5.38 -24.66 15.36
C ALA B 206 3.90 -24.91 15.21
N LEU B 207 3.19 -25.25 16.29
CA LEU B 207 1.78 -25.58 16.23
C LEU B 207 0.88 -24.49 16.77
N ASN B 208 1.42 -23.53 17.54
CA ASN B 208 0.64 -22.45 18.12
C ASN B 208 0.92 -21.11 17.47
N HIS B 209 2.19 -20.77 17.29
CA HIS B 209 2.60 -19.49 16.74
C HIS B 209 3.01 -19.65 15.28
N CYS B 210 2.60 -18.69 14.45
CA CYS B 210 3.03 -18.61 13.05
C CYS B 210 3.98 -17.42 12.94
N ASN B 211 5.23 -17.69 12.57
CA ASN B 211 6.24 -16.65 12.55
C ASN B 211 5.86 -15.54 11.57
N PHE B 212 5.35 -15.90 10.40
CA PHE B 212 4.99 -14.93 9.39
C PHE B 212 3.93 -15.50 8.47
N GLY B 213 3.42 -14.64 7.60
CA GLY B 213 2.49 -15.04 6.57
C GLY B 213 3.00 -14.65 5.19
N LEU B 214 2.83 -15.55 4.24
CA LEU B 214 3.17 -15.32 2.84
C LEU B 214 1.91 -14.86 2.11
N LEU B 215 1.93 -13.62 1.62
CA LEU B 215 0.80 -13.03 0.90
C LEU B 215 1.13 -12.98 -0.58
N VAL B 216 0.27 -13.55 -1.40
CA VAL B 216 0.36 -13.45 -2.85
C VAL B 216 -0.90 -12.71 -3.30
N VAL B 217 -0.73 -11.49 -3.81
CA VAL B 217 -1.87 -10.65 -4.17
C VAL B 217 -1.68 -10.08 -5.57
N PRO B 218 -2.65 -10.22 -6.48
CA PRO B 218 -2.51 -9.62 -7.80
C PRO B 218 -2.79 -8.12 -7.76
N ILE B 219 -1.72 -7.32 -7.92
CA ILE B 219 -1.87 -5.87 -7.92
C ILE B 219 -2.31 -5.39 -9.29
N SER B 220 -1.67 -5.90 -10.34
CA SER B 220 -2.15 -5.68 -11.70
C SER B 220 -2.95 -6.90 -12.13
N PRO B 221 -4.22 -6.76 -12.48
CA PRO B 221 -5.04 -7.95 -12.74
C PRO B 221 -4.54 -8.76 -13.93
N LEU B 222 -4.75 -10.07 -13.84
CA LEU B 222 -4.42 -10.95 -14.95
C LEU B 222 -5.23 -10.58 -16.18
N ASP B 223 -4.61 -10.67 -17.34
CA ASP B 223 -5.28 -10.29 -18.58
C ASP B 223 -4.63 -11.00 -19.75
N PHE B 224 -5.46 -11.51 -20.66
CA PHE B 224 -5.00 -12.11 -21.90
C PHE B 224 -6.13 -11.99 -22.92
N ASP B 225 -5.96 -12.64 -24.07
CA ASP B 225 -6.95 -12.61 -25.13
C ASP B 225 -7.58 -13.98 -25.30
N GLN B 226 -8.81 -13.99 -25.82
CA GLN B 226 -9.51 -15.23 -26.09
C GLN B 226 -8.68 -16.12 -27.00
N GLY B 227 -8.54 -17.39 -26.64
CA GLY B 227 -7.71 -18.34 -27.35
C GLY B 227 -6.45 -18.71 -26.59
N ALA B 228 -5.92 -17.78 -25.80
CA ALA B 228 -4.78 -18.10 -24.94
C ALA B 228 -5.22 -19.04 -23.82
N THR B 229 -4.25 -19.69 -23.22
CA THR B 229 -4.54 -20.64 -22.15
C THR B 229 -5.24 -19.92 -21.01
N PRO B 230 -6.46 -20.32 -20.62
CA PRO B 230 -7.17 -19.62 -19.56
C PRO B 230 -6.78 -20.04 -18.15
N VAL B 231 -5.91 -21.03 -18.00
CA VAL B 231 -5.52 -21.55 -16.70
C VAL B 231 -4.10 -21.07 -16.41
N ILE B 232 -3.96 -20.24 -15.39
CA ILE B 232 -2.68 -19.72 -14.95
C ILE B 232 -2.45 -20.17 -13.51
N PRO B 233 -1.73 -21.26 -13.29
CA PRO B 233 -1.50 -21.73 -11.93
C PRO B 233 -0.42 -20.93 -11.22
N ILE B 234 -0.61 -20.77 -9.92
CA ILE B 234 0.40 -20.22 -9.01
C ILE B 234 0.75 -21.32 -8.02
N THR B 235 2.03 -21.70 -7.97
CA THR B 235 2.50 -22.76 -7.10
C THR B 235 3.40 -22.18 -6.03
N ILE B 236 3.29 -22.70 -4.82
CA ILE B 236 4.09 -22.26 -3.69
C ILE B 236 4.96 -23.44 -3.27
N THR B 237 6.28 -23.29 -3.44
CA THR B 237 7.25 -24.24 -2.92
C THR B 237 8.03 -23.56 -1.81
N LEU B 238 8.48 -24.34 -0.84
CA LEU B 238 9.25 -23.73 0.24
C LEU B 238 10.17 -24.77 0.87
N ALA B 239 11.33 -24.29 1.31
CA ALA B 239 12.33 -25.14 1.95
C ALA B 239 12.64 -24.60 3.33
N PRO B 240 12.38 -25.36 4.39
CA PRO B 240 12.96 -24.99 5.69
C PRO B 240 14.48 -25.01 5.63
N MET B 241 15.09 -24.15 6.42
CA MET B 241 16.54 -24.02 6.44
C MET B 241 17.00 -23.84 7.87
N CYS B 242 18.12 -24.48 8.21
CA CYS B 242 18.69 -24.42 9.55
C CYS B 242 17.66 -24.83 10.58
N SER B 243 16.96 -25.92 10.29
CA SER B 243 15.89 -26.39 11.16
C SER B 243 16.46 -27.03 12.43
N GLU B 244 15.86 -26.65 13.56
CA GLU B 244 16.22 -27.17 14.87
C GLU B 244 14.94 -27.49 15.62
N PHE B 245 14.95 -28.60 16.35
CA PHE B 245 13.82 -29.03 17.15
C PHE B 245 14.31 -29.42 18.53
N ALA B 246 13.48 -29.19 19.53
CA ALA B 246 13.82 -29.53 20.91
C ALA B 246 12.54 -29.78 21.69
N GLY B 247 12.69 -30.44 22.84
CA GLY B 247 11.54 -30.75 23.66
C GLY B 247 10.75 -31.92 23.11
N LEU B 248 11.39 -33.08 23.03
CA LEU B 248 10.78 -34.25 22.42
C LEU B 248 9.82 -34.92 23.38
N ARG B 249 8.60 -35.14 22.93
CA ARG B 249 7.59 -35.92 23.66
C ARG B 249 6.65 -36.53 22.62
N GLN B 250 5.50 -37.00 23.07
CA GLN B 250 4.53 -37.59 22.16
C GLN B 250 4.16 -36.60 21.05
N ALA B 251 3.66 -37.15 19.95
CA ALA B 251 3.26 -36.33 18.81
C ALA B 251 1.94 -35.65 19.10
N VAL B 252 1.90 -34.33 18.88
CA VAL B 252 0.72 -33.51 19.11
C VAL B 252 0.43 -32.75 17.82
N THR B 253 -0.82 -32.78 17.37
CA THR B 253 -1.23 -32.07 16.17
C THR B 253 -1.64 -30.64 16.45
N GLN B 254 -2.20 -30.36 17.62
CA GLN B 254 -2.55 -29.00 18.01
C GLN B 254 -2.69 -28.87 19.51
N GLY C 1 20.76 21.65 54.34
CA GLY C 1 20.32 23.07 54.35
C GLY C 1 21.01 23.91 53.31
N PHE C 2 21.47 23.27 52.24
CA PHE C 2 22.13 23.98 51.15
C PHE C 2 21.13 24.93 50.50
N PRO C 3 21.42 26.23 50.41
CA PRO C 3 20.42 27.17 49.89
C PRO C 3 20.17 26.95 48.40
N THR C 4 18.90 26.93 48.03
CA THR C 4 18.47 26.79 46.65
C THR C 4 17.36 27.79 46.38
N GLU C 5 16.98 27.90 45.11
CA GLU C 5 15.94 28.82 44.69
C GLU C 5 15.27 28.24 43.45
N LEU C 6 14.15 27.55 43.64
CA LEU C 6 13.46 26.94 42.52
C LEU C 6 12.91 28.01 41.59
N LYS C 7 13.02 27.77 40.30
CA LYS C 7 12.75 28.74 39.25
C LYS C 7 11.42 28.43 38.58
N PRO C 8 10.94 29.33 37.71
CA PRO C 8 9.74 29.02 36.93
C PRO C 8 9.94 27.78 36.08
N GLY C 9 8.84 27.07 35.85
CA GLY C 9 8.90 25.75 35.26
C GLY C 9 8.97 24.63 36.28
N THR C 10 8.84 24.96 37.56
CA THR C 10 8.84 23.95 38.62
C THR C 10 7.48 23.26 38.67
N ASN C 11 7.52 21.94 38.87
CA ASN C 11 6.34 21.09 39.01
C ASN C 11 5.59 20.89 37.69
N GLN C 12 6.02 21.53 36.60
CA GLN C 12 5.37 21.35 35.32
C GLN C 12 5.72 19.99 34.73
N PHE C 13 4.75 19.37 34.08
CA PHE C 13 4.95 18.10 33.39
C PHE C 13 5.03 18.39 31.89
N LEU C 14 6.23 18.26 31.34
CA LEU C 14 6.49 18.45 29.91
C LEU C 14 6.63 17.09 29.27
N THR C 15 5.76 16.79 28.29
CA THR C 15 5.72 15.45 27.72
C THR C 15 6.98 15.08 26.95
N THR C 16 7.75 16.07 26.50
CA THR C 16 8.98 15.84 25.74
C THR C 16 10.21 16.22 26.56
N ASP C 17 10.20 15.92 27.85
CA ASP C 17 11.29 16.25 28.75
C ASP C 17 12.12 14.99 29.02
N ASP C 18 13.41 15.06 28.73
CA ASP C 18 14.32 13.94 28.95
C ASP C 18 14.93 14.10 30.34
N GLY C 19 14.39 13.37 31.31
CA GLY C 19 14.85 13.47 32.68
C GLY C 19 15.09 12.13 33.34
N VAL C 20 15.42 12.15 34.62
CA VAL C 20 15.65 10.95 35.41
C VAL C 20 14.46 10.75 36.34
N SER C 21 13.85 9.58 36.28
CA SER C 21 12.70 9.25 37.09
C SER C 21 13.05 8.13 38.07
N ALA C 22 12.25 8.01 39.11
CA ALA C 22 12.52 7.02 40.15
C ALA C 22 12.23 5.62 39.63
N PRO C 23 13.20 4.70 39.69
CA PRO C 23 12.90 3.31 39.29
C PRO C 23 12.02 2.62 40.33
N ILE C 24 11.19 1.71 39.85
CA ILE C 24 10.27 0.99 40.74
C ILE C 24 10.83 -0.37 41.16
N LEU C 25 11.67 -0.99 40.33
CA LEU C 25 12.21 -2.31 40.63
C LEU C 25 13.72 -2.21 40.85
N PRO C 26 14.19 -2.16 42.09
CA PRO C 26 15.64 -2.15 42.31
C PRO C 26 16.29 -3.48 41.94
N ASN C 27 17.55 -3.39 41.51
CA ASN C 27 18.36 -4.56 41.18
C ASN C 27 17.73 -5.44 40.12
N PHE C 28 16.75 -4.94 39.39
CA PHE C 28 16.10 -5.72 38.35
C PHE C 28 16.93 -5.72 37.09
N HIS C 29 17.02 -6.89 36.44
CA HIS C 29 17.75 -7.05 35.20
C HIS C 29 16.81 -7.57 34.12
N PRO C 30 16.72 -6.91 32.96
CA PRO C 30 15.78 -7.37 31.93
C PRO C 30 16.26 -8.65 31.26
N THR C 31 15.32 -9.31 30.61
CA THR C 31 15.65 -10.49 29.84
C THR C 31 16.69 -10.12 28.78
N PRO C 32 17.77 -10.89 28.65
CA PRO C 32 18.80 -10.52 27.66
C PRO C 32 18.23 -10.50 26.26
N CYS C 33 18.76 -9.61 25.43
CA CYS C 33 18.27 -9.41 24.08
C CYS C 33 18.99 -10.35 23.13
N ILE C 34 18.24 -11.23 22.49
CA ILE C 34 18.78 -12.10 21.44
C ILE C 34 18.83 -11.31 20.15
N HIS C 35 19.51 -11.84 19.14
CA HIS C 35 19.56 -11.19 17.84
C HIS C 35 18.24 -11.43 17.11
N ILE C 36 17.60 -10.35 16.69
CA ILE C 36 16.34 -10.39 15.96
C ILE C 36 16.57 -9.71 14.61
N PRO C 37 16.22 -10.34 13.49
CA PRO C 37 16.43 -9.67 12.20
C PRO C 37 15.54 -8.45 12.04
N GLY C 38 16.02 -7.50 11.24
CA GLY C 38 15.23 -6.35 10.89
C GLY C 38 15.18 -5.26 11.93
N GLU C 39 16.28 -4.97 12.60
CA GLU C 39 16.32 -3.89 13.56
C GLU C 39 16.35 -2.54 12.85
N VAL C 40 15.63 -1.57 13.41
CA VAL C 40 15.54 -0.23 12.85
C VAL C 40 16.23 0.73 13.82
N ARG C 41 17.20 1.47 13.31
CA ARG C 41 17.90 2.49 14.09
C ARG C 41 17.41 3.90 13.79
N ASN C 42 17.05 4.16 12.54
CA ASN C 42 16.55 5.47 12.12
C ASN C 42 15.29 5.29 11.29
N LEU C 43 14.37 6.24 11.39
CA LEU C 43 13.15 6.16 10.58
C LEU C 43 13.45 6.41 9.12
N LEU C 44 14.50 7.16 8.82
CA LEU C 44 14.86 7.42 7.43
C LEU C 44 15.15 6.13 6.69
N GLU C 45 15.60 5.09 7.41
CA GLU C 45 15.80 3.79 6.78
C GLU C 45 14.53 3.30 6.10
N LEU C 46 13.38 3.56 6.72
CA LEU C 46 12.09 3.18 6.14
C LEU C 46 11.63 4.15 5.07
N CYS C 47 12.17 5.38 5.05
CA CYS C 47 11.77 6.35 4.04
C CYS C 47 12.37 6.03 2.68
N GLN C 48 13.48 5.29 2.63
CA GLN C 48 14.13 4.95 1.38
C GLN C 48 13.57 3.69 0.75
N VAL C 49 12.59 3.06 1.37
CA VAL C 49 11.95 1.87 0.81
C VAL C 49 10.74 2.31 0.00
N GLU C 50 10.65 1.80 -1.23
CA GLU C 50 9.58 2.21 -2.14
C GLU C 50 8.26 1.56 -1.75
N THR C 51 7.22 2.37 -1.62
CA THR C 51 5.87 1.89 -1.35
C THR C 51 4.93 2.39 -2.43
N ILE C 52 3.85 1.64 -2.64
CA ILE C 52 2.97 1.92 -3.78
C ILE C 52 2.38 3.31 -3.65
N LEU C 53 2.49 4.08 -4.73
CA LEU C 53 1.93 5.42 -4.81
C LEU C 53 0.61 5.34 -5.58
N GLU C 54 -0.48 5.75 -4.92
CA GLU C 54 -1.82 5.57 -5.49
C GLU C 54 -2.17 6.81 -6.32
N VAL C 55 -1.62 6.84 -7.53
CA VAL C 55 -1.95 7.93 -8.46
C VAL C 55 -3.42 7.88 -8.84
N ASN C 56 -3.94 6.67 -9.08
CA ASN C 56 -5.33 6.48 -9.49
C ASN C 56 -6.27 6.49 -8.30
N ASN C 57 -6.22 7.56 -7.49
CA ASN C 57 -7.10 7.66 -6.34
C ASN C 57 -8.45 8.25 -6.72
N VAL C 58 -9.06 7.74 -7.78
CA VAL C 58 -10.42 8.10 -8.15
C VAL C 58 -11.42 7.24 -7.39
N PRO C 59 -11.28 5.91 -7.40
CA PRO C 59 -12.31 5.08 -6.75
C PRO C 59 -12.35 5.29 -5.25
N THR C 60 -13.56 5.17 -4.70
CA THR C 60 -13.76 5.36 -3.27
C THR C 60 -14.49 4.18 -2.65
N ASN C 61 -15.41 3.57 -3.40
CA ASN C 61 -16.18 2.46 -2.87
C ASN C 61 -15.26 1.29 -2.54
N ALA C 62 -15.58 0.60 -1.44
CA ALA C 62 -14.72 -0.46 -0.93
C ALA C 62 -14.60 -1.64 -1.89
N THR C 63 -15.49 -1.76 -2.87
CA THR C 63 -15.45 -2.89 -3.78
C THR C 63 -14.31 -2.80 -4.78
N SER C 64 -13.87 -1.59 -5.11
CA SER C 64 -12.86 -1.36 -6.14
C SER C 64 -11.70 -0.52 -5.60
N LEU C 65 -11.30 -0.76 -4.36
CA LEU C 65 -10.16 -0.04 -3.80
C LEU C 65 -8.82 -0.58 -4.30
N MET C 66 -8.80 -1.75 -4.93
CA MET C 66 -7.55 -2.27 -5.47
C MET C 66 -7.22 -1.65 -6.81
N GLU C 67 -8.22 -1.17 -7.55
CA GLU C 67 -7.97 -0.44 -8.79
C GLU C 67 -7.22 0.85 -8.54
N ARG C 68 -7.18 1.31 -7.30
CA ARG C 68 -6.48 2.53 -6.92
C ARG C 68 -4.96 2.37 -6.93
N LEU C 69 -4.46 1.16 -7.09
CA LEU C 69 -3.04 0.87 -6.97
C LEU C 69 -2.32 0.80 -8.31
N ARG C 70 -2.98 1.15 -9.41
CA ARG C 70 -2.33 1.20 -10.71
C ARG C 70 -3.20 2.01 -11.65
N PHE C 71 -2.58 2.58 -12.68
CA PHE C 71 -3.35 3.39 -13.62
C PHE C 71 -3.15 2.90 -15.05
N PRO C 72 -4.17 3.01 -15.90
CA PRO C 72 -4.12 2.37 -17.20
C PRO C 72 -3.33 3.14 -18.24
N VAL C 73 -2.75 2.38 -19.18
CA VAL C 73 -2.07 2.91 -20.36
C VAL C 73 -2.56 2.13 -21.56
N SER C 74 -3.09 2.84 -22.56
CA SER C 74 -3.70 2.22 -23.72
C SER C 74 -3.11 2.83 -24.99
N ALA C 75 -3.58 2.33 -26.14
CA ALA C 75 -3.19 2.89 -27.42
C ALA C 75 -3.92 4.19 -27.68
N GLN C 76 -3.18 5.19 -28.15
CA GLN C 76 -3.69 6.54 -28.33
C GLN C 76 -3.60 6.92 -29.80
N ALA C 77 -3.85 8.20 -30.09
CA ALA C 77 -3.81 8.73 -31.44
C ALA C 77 -2.43 9.27 -31.82
N GLY C 78 -1.43 9.12 -30.97
CA GLY C 78 -0.12 9.68 -31.24
C GLY C 78 -0.10 11.19 -31.23
N LYS C 79 -0.81 11.82 -30.29
CA LYS C 79 -0.87 13.26 -30.16
C LYS C 79 -0.22 13.75 -28.87
N GLY C 80 0.65 12.95 -28.27
CA GLY C 80 1.25 13.31 -27.00
C GLY C 80 0.23 13.46 -25.90
N GLU C 81 -0.66 12.48 -25.79
CA GLU C 81 -1.75 12.56 -24.83
C GLU C 81 -1.23 12.51 -23.40
N LEU C 82 -2.08 12.93 -22.47
CA LEU C 82 -1.76 12.93 -21.05
C LEU C 82 -2.23 11.62 -20.44
N CYS C 83 -1.30 10.86 -19.86
CA CYS C 83 -1.69 9.62 -19.18
C CYS C 83 -2.16 9.89 -17.76
N ALA C 84 -1.38 10.64 -16.99
CA ALA C 84 -1.73 10.84 -15.58
C ALA C 84 -1.06 12.10 -15.05
N VAL C 85 -1.54 12.55 -13.89
CA VAL C 85 -1.00 13.73 -13.22
C VAL C 85 -1.18 13.55 -11.72
N PHE C 86 -0.21 14.06 -10.95
CA PHE C 86 -0.36 14.13 -9.50
C PHE C 86 0.60 15.17 -8.96
N ARG C 87 0.49 15.43 -7.65
CA ARG C 87 1.33 16.40 -6.98
C ARG C 87 2.54 15.72 -6.35
N ALA C 88 3.67 16.42 -6.35
CA ALA C 88 4.92 15.90 -5.83
C ALA C 88 5.11 16.19 -4.35
N ASP C 89 4.06 16.64 -3.66
CA ASP C 89 4.16 16.96 -2.24
C ASP C 89 3.97 15.69 -1.43
N PRO C 90 5.00 15.21 -0.70
CA PRO C 90 4.89 13.90 -0.05
C PRO C 90 4.04 13.91 1.21
N GLY C 91 4.00 15.05 1.90
CA GLY C 91 3.25 15.16 3.14
C GLY C 91 1.89 15.79 2.95
N ARG C 92 1.40 15.79 1.71
CA ARG C 92 0.13 16.40 1.36
C ARG C 92 -0.89 15.33 1.01
N ASP C 93 -2.15 15.61 1.33
CA ASP C 93 -3.22 14.66 1.04
C ASP C 93 -3.31 14.41 -0.46
N GLY C 94 -3.32 13.13 -0.84
CA GLY C 94 -3.37 12.75 -2.23
C GLY C 94 -2.80 11.37 -2.46
N PRO C 95 -2.18 11.15 -3.62
CA PRO C 95 -1.58 9.84 -3.88
C PRO C 95 -0.52 9.44 -2.87
N TRP C 96 0.19 10.40 -2.26
CA TRP C 96 1.30 10.08 -1.38
C TRP C 96 0.85 9.53 -0.04
N GLN C 97 -0.40 9.76 0.37
CA GLN C 97 -0.85 9.27 1.66
C GLN C 97 -0.77 7.76 1.76
N SER C 98 -0.77 7.05 0.63
CA SER C 98 -0.70 5.61 0.63
C SER C 98 0.72 5.07 0.80
N THR C 99 1.73 5.92 0.75
CA THR C 99 3.11 5.49 0.85
C THR C 99 3.60 5.55 2.29
N MET C 100 4.61 4.72 2.58
CA MET C 100 5.25 4.77 3.89
C MET C 100 5.90 6.12 4.13
N LEU C 101 6.54 6.68 3.10
CA LEU C 101 7.11 8.01 3.22
C LEU C 101 6.02 9.04 3.53
N GLY C 102 4.88 8.94 2.86
CA GLY C 102 3.78 9.84 3.12
C GLY C 102 3.24 9.76 4.53
N GLN C 103 3.16 8.56 5.10
CA GLN C 103 2.68 8.40 6.47
C GLN C 103 3.71 8.86 7.49
N LEU C 104 4.99 8.61 7.24
CA LEU C 104 6.03 9.08 8.15
C LEU C 104 6.18 10.59 8.10
N CYS C 105 5.94 11.20 6.94
CA CYS C 105 5.96 12.65 6.85
C CYS C 105 4.83 13.28 7.64
N GLY C 106 3.71 12.57 7.84
CA GLY C 106 2.66 13.08 8.68
C GLY C 106 3.09 13.31 10.12
N TYR C 107 4.09 12.57 10.59
CA TYR C 107 4.60 12.71 11.94
C TYR C 107 5.69 13.75 12.07
N TYR C 108 6.09 14.38 10.97
CA TYR C 108 7.09 15.44 10.99
C TYR C 108 6.54 16.66 10.27
N THR C 109 6.99 17.83 10.72
CA THR C 109 6.49 19.10 10.19
C THR C 109 7.20 19.51 8.92
N GLN C 110 8.52 19.35 8.86
CA GLN C 110 9.32 19.82 7.74
C GLN C 110 10.13 18.68 7.15
N TRP C 111 10.38 18.76 5.84
CA TRP C 111 11.11 17.73 5.14
C TRP C 111 12.03 18.38 4.12
N SER C 112 13.07 17.65 3.74
CA SER C 112 14.03 18.12 2.77
C SER C 112 14.60 16.93 2.00
N GLY C 113 15.10 17.18 0.82
CA GLY C 113 15.76 16.18 0.01
C GLY C 113 14.96 15.80 -1.22
N SER C 114 15.57 14.97 -2.05
CA SER C 114 14.99 14.54 -3.31
C SER C 114 14.11 13.32 -3.12
N LEU C 115 13.09 13.22 -3.95
CA LEU C 115 12.19 12.07 -3.98
C LEU C 115 12.49 11.21 -5.20
N GLU C 116 11.93 10.00 -5.21
CA GLU C 116 12.04 9.14 -6.37
C GLU C 116 10.73 8.40 -6.57
N VAL C 117 10.26 8.35 -7.81
CA VAL C 117 9.07 7.58 -8.19
C VAL C 117 9.50 6.58 -9.25
N THR C 118 9.37 5.30 -8.95
CA THR C 118 9.65 4.23 -9.90
C THR C 118 8.34 3.76 -10.50
N PHE C 119 8.23 3.85 -11.81
CA PHE C 119 7.07 3.36 -12.54
C PHE C 119 7.40 2.02 -13.15
N MET C 120 6.57 1.02 -12.86
CA MET C 120 6.73 -0.33 -13.38
C MET C 120 5.60 -0.61 -14.36
N PHE C 121 5.96 -1.01 -15.57
CA PHE C 121 5.00 -1.35 -16.61
C PHE C 121 4.63 -2.82 -16.49
N THR C 122 3.36 -3.11 -16.25
CA THR C 122 2.87 -4.46 -16.04
C THR C 122 2.02 -4.94 -17.20
N GLY C 123 2.41 -4.57 -18.42
CA GLY C 123 1.78 -5.06 -19.62
C GLY C 123 2.43 -6.34 -20.11
N SER C 124 2.06 -6.73 -21.32
CA SER C 124 2.59 -7.94 -21.91
C SER C 124 4.00 -7.70 -22.43
N PHE C 125 4.72 -8.81 -22.64
CA PHE C 125 6.08 -8.72 -23.17
C PHE C 125 6.09 -8.16 -24.59
N MET C 126 5.05 -8.45 -25.38
CA MET C 126 5.00 -8.02 -26.77
C MET C 126 4.55 -6.58 -26.94
N ALA C 127 4.15 -5.91 -25.87
CA ALA C 127 3.71 -4.53 -25.94
C ALA C 127 4.90 -3.59 -25.85
N THR C 128 4.87 -2.54 -26.67
CA THR C 128 5.92 -1.54 -26.69
C THR C 128 5.31 -0.16 -26.50
N GLY C 129 6.14 0.79 -26.09
CA GLY C 129 5.68 2.15 -25.91
C GLY C 129 6.70 3.04 -25.24
N LYS C 130 6.60 4.34 -25.49
CA LYS C 130 7.45 5.33 -24.86
C LYS C 130 6.58 6.34 -24.12
N MET C 131 6.96 6.64 -22.89
CA MET C 131 6.27 7.63 -22.07
C MET C 131 7.22 8.77 -21.74
N LEU C 132 6.66 9.89 -21.31
CA LEU C 132 7.41 11.06 -20.89
C LEU C 132 6.93 11.44 -19.50
N ILE C 133 7.77 11.22 -18.49
CA ILE C 133 7.42 11.56 -17.11
C ILE C 133 8.13 12.86 -16.78
N ALA C 134 7.36 13.89 -16.49
CA ALA C 134 7.88 15.25 -16.31
C ALA C 134 7.55 15.75 -14.92
N TYR C 135 8.57 16.26 -14.24
CA TYR C 135 8.42 17.00 -12.99
C TYR C 135 8.49 18.49 -13.31
N THR C 136 7.45 19.22 -12.92
CA THR C 136 7.37 20.66 -13.10
C THR C 136 7.61 21.34 -11.77
N PRO C 137 8.69 22.12 -11.62
CA PRO C 137 8.96 22.77 -10.34
C PRO C 137 7.84 23.69 -9.92
N PRO C 138 7.89 24.24 -8.70
CA PRO C 138 6.81 25.11 -8.24
C PRO C 138 6.69 26.36 -9.08
N GLY C 139 5.46 26.86 -9.20
CA GLY C 139 5.20 28.08 -9.93
C GLY C 139 4.56 27.83 -11.27
N GLY C 140 5.00 26.77 -11.96
CA GLY C 140 4.44 26.41 -13.23
C GLY C 140 3.12 25.67 -13.08
N PRO C 141 2.08 26.14 -13.76
CA PRO C 141 0.78 25.47 -13.64
C PRO C 141 0.79 24.08 -14.25
N LEU C 142 -0.33 23.37 -14.19
CA LEU C 142 -0.41 22.06 -14.79
C LEU C 142 -0.18 22.19 -16.30
N PRO C 143 0.83 21.52 -16.85
CA PRO C 143 1.06 21.65 -18.30
C PRO C 143 -0.18 21.25 -19.09
N LYS C 144 -0.47 22.04 -20.13
CA LYS C 144 -1.66 21.79 -20.93
C LYS C 144 -1.39 20.77 -22.04
N ASP C 145 -0.14 20.63 -22.46
CA ASP C 145 0.22 19.67 -23.49
C ASP C 145 1.63 19.15 -23.22
N ARG C 146 2.03 18.15 -23.99
CA ARG C 146 3.34 17.53 -23.79
C ARG C 146 4.47 18.50 -24.10
N ALA C 147 4.26 19.42 -25.04
CA ALA C 147 5.30 20.39 -25.36
C ALA C 147 5.61 21.30 -24.18
N THR C 148 4.60 21.66 -23.40
CA THR C 148 4.84 22.48 -22.21
C THR C 148 5.51 21.67 -21.11
N ALA C 149 5.04 20.44 -20.88
CA ALA C 149 5.62 19.60 -19.84
C ALA C 149 7.08 19.27 -20.13
N MET C 150 7.45 19.21 -21.41
CA MET C 150 8.83 18.91 -21.77
C MET C 150 9.79 19.98 -21.29
N LEU C 151 9.30 21.18 -20.96
CA LEU C 151 10.17 22.27 -20.54
C LEU C 151 10.71 22.09 -19.13
N GLY C 152 9.99 21.40 -18.25
CA GLY C 152 10.48 21.09 -16.92
C GLY C 152 11.37 19.85 -16.95
N THR C 153 11.75 19.41 -15.75
CA THR C 153 12.54 18.20 -15.64
C THR C 153 11.73 17.04 -16.22
N HIS C 154 12.42 16.09 -16.86
CA HIS C 154 11.67 14.97 -17.41
C HIS C 154 12.61 13.83 -17.76
N VAL C 155 12.01 12.66 -17.93
CA VAL C 155 12.70 11.46 -18.38
C VAL C 155 11.80 10.74 -19.37
N ILE C 156 12.38 10.28 -20.47
CA ILE C 156 11.67 9.49 -21.47
C ILE C 156 11.90 8.02 -21.17
N TRP C 157 10.81 7.28 -21.03
CA TRP C 157 10.82 5.90 -20.58
C TRP C 157 10.44 5.00 -21.75
N ASP C 158 11.27 3.99 -22.01
CA ASP C 158 11.05 3.04 -23.10
C ASP C 158 10.83 1.66 -22.50
N PHE C 159 9.68 1.04 -22.81
CA PHE C 159 9.39 -0.29 -22.32
C PHE C 159 10.34 -1.31 -22.92
N GLY C 160 10.80 -2.25 -22.10
CA GLY C 160 11.75 -3.23 -22.57
C GLY C 160 12.00 -4.28 -21.52
N LEU C 161 13.17 -4.94 -21.65
CA LEU C 161 13.53 -5.98 -20.70
C LEU C 161 13.59 -5.47 -19.28
N GLN C 162 13.86 -4.18 -19.08
CA GLN C 162 13.76 -3.53 -17.78
C GLN C 162 12.37 -2.91 -17.70
N SER C 163 11.52 -3.47 -16.85
CA SER C 163 10.11 -3.08 -16.80
C SER C 163 9.87 -1.79 -16.03
N SER C 164 10.89 -1.24 -15.37
CA SER C 164 10.72 -0.10 -14.50
C SER C 164 11.65 1.04 -14.89
N VAL C 165 11.21 2.26 -14.60
CA VAL C 165 12.02 3.46 -14.75
C VAL C 165 11.89 4.27 -13.47
N THR C 166 12.87 5.12 -13.22
CA THR C 166 12.88 5.96 -12.02
C THR C 166 12.93 7.43 -12.44
N LEU C 167 11.89 8.18 -12.09
CA LEU C 167 11.91 9.63 -12.13
C LEU C 167 12.38 10.13 -10.77
N VAL C 168 13.56 10.72 -10.73
CA VAL C 168 14.06 11.34 -9.52
C VAL C 168 13.56 12.78 -9.49
N ILE C 169 12.75 13.11 -8.51
CA ILE C 169 12.27 14.48 -8.29
C ILE C 169 13.35 15.19 -7.47
N PRO C 170 14.20 15.99 -8.09
CA PRO C 170 15.31 16.60 -7.35
C PRO C 170 14.81 17.67 -6.39
N TRP C 171 15.62 17.91 -5.37
CA TRP C 171 15.30 18.94 -4.39
C TRP C 171 15.50 20.33 -4.99
N ILE C 172 14.43 20.89 -5.56
CA ILE C 172 14.49 22.23 -6.13
C ILE C 172 13.61 23.12 -5.27
N SER C 173 14.20 23.74 -4.25
CA SER C 173 13.46 24.51 -3.27
C SER C 173 14.25 25.76 -2.90
N ASN C 174 13.53 26.82 -2.58
CA ASN C 174 14.17 28.04 -2.08
C ASN C 174 14.61 27.90 -0.62
N THR C 175 13.86 27.15 0.18
CA THR C 175 14.20 26.91 1.58
C THR C 175 14.96 25.59 1.72
N HIS C 176 15.82 25.55 2.74
CA HIS C 176 16.55 24.32 3.03
C HIS C 176 15.59 23.21 3.46
N TYR C 177 14.46 23.57 4.06
CA TYR C 177 13.42 22.62 4.41
C TYR C 177 12.10 23.10 3.84
N ARG C 178 11.19 22.15 3.64
CA ARG C 178 9.83 22.44 3.20
C ARG C 178 8.86 21.89 4.23
N ALA C 179 7.91 22.72 4.64
CA ALA C 179 6.79 22.25 5.42
C ALA C 179 5.80 21.55 4.48
N HIS C 180 4.85 20.83 5.07
CA HIS C 180 3.87 20.11 4.26
C HIS C 180 2.90 21.10 3.63
N ALA C 181 2.81 21.03 2.30
CA ALA C 181 1.97 21.96 1.55
C ALA C 181 0.50 21.60 1.69
N ARG C 182 -0.35 22.61 1.61
CA ARG C 182 -1.79 22.43 1.59
C ARG C 182 -2.40 23.69 1.00
N ASP C 183 -3.69 23.61 0.67
CA ASP C 183 -4.36 24.72 0.00
C ASP C 183 -4.38 25.94 0.91
N GLY C 184 -4.01 27.09 0.36
CA GLY C 184 -3.96 28.32 1.11
C GLY C 184 -2.58 28.96 1.09
N VAL C 185 -2.15 29.50 2.23
CA VAL C 185 -0.85 30.14 2.31
C VAL C 185 0.28 29.12 2.21
N PHE C 186 0.06 27.90 2.71
CA PHE C 186 1.12 26.89 2.73
C PHE C 186 1.33 26.22 1.39
N ASP C 187 0.52 26.54 0.37
CA ASP C 187 0.84 26.16 -0.99
C ASP C 187 2.16 26.76 -1.44
N TYR C 188 2.68 27.74 -0.69
CA TYR C 188 4.02 28.24 -0.89
C TYR C 188 5.05 27.13 -0.82
N TYR C 189 4.76 26.07 -0.07
CA TYR C 189 5.67 24.94 0.09
C TYR C 189 5.43 23.83 -0.93
N THR C 190 4.59 24.07 -1.93
CA THR C 190 4.33 23.05 -2.95
C THR C 190 5.62 22.66 -3.63
N THR C 191 5.75 21.36 -3.92
CA THR C 191 6.96 20.82 -4.52
C THR C 191 6.95 20.86 -6.05
N GLY C 192 5.78 20.94 -6.66
CA GLY C 192 5.63 20.87 -8.09
C GLY C 192 4.60 19.84 -8.49
N LEU C 193 4.64 19.44 -9.76
CA LEU C 193 3.71 18.46 -10.30
C LEU C 193 4.47 17.38 -11.03
N VAL C 194 3.85 16.21 -11.14
CA VAL C 194 4.37 15.11 -11.95
C VAL C 194 3.31 14.72 -12.97
N SER C 195 3.69 14.74 -14.24
CA SER C 195 2.77 14.44 -15.34
C SER C 195 3.37 13.35 -16.22
N ILE C 196 2.55 12.36 -16.55
CA ILE C 196 2.95 11.26 -17.41
C ILE C 196 2.19 11.41 -18.72
N TRP C 197 2.93 11.62 -19.82
CA TRP C 197 2.37 11.77 -21.15
C TRP C 197 2.83 10.62 -22.02
N TYR C 198 2.12 10.42 -23.13
CA TYR C 198 2.54 9.44 -24.14
C TYR C 198 3.61 10.07 -25.02
N GLN C 199 4.76 9.41 -25.13
CA GLN C 199 5.85 9.93 -25.94
C GLN C 199 5.68 9.57 -27.41
N THR C 200 5.53 8.28 -27.72
CA THR C 200 5.24 7.85 -29.08
C THR C 200 3.85 7.22 -29.17
N ASN C 201 3.62 6.11 -28.46
CA ASN C 201 2.30 5.47 -28.39
C ASN C 201 2.46 4.20 -27.56
N TYR C 202 1.33 3.56 -27.29
CA TYR C 202 1.30 2.21 -26.73
C TYR C 202 0.94 1.25 -27.87
N VAL C 203 1.95 0.56 -28.39
CA VAL C 203 1.77 -0.34 -29.53
C VAL C 203 1.73 -1.78 -29.02
N VAL C 204 1.01 -2.63 -29.74
CA VAL C 204 0.85 -4.03 -29.35
C VAL C 204 0.46 -4.84 -30.58
N PRO C 205 0.89 -6.09 -30.71
CA PRO C 205 0.49 -6.91 -31.85
C PRO C 205 -0.83 -7.62 -31.62
N ILE C 206 -1.28 -8.30 -32.68
CA ILE C 206 -2.51 -9.08 -32.61
C ILE C 206 -2.31 -10.21 -31.61
N GLY C 207 -3.28 -10.39 -30.72
CA GLY C 207 -3.24 -11.46 -29.74
C GLY C 207 -2.77 -11.05 -28.37
N ALA C 208 -2.58 -9.76 -28.11
CA ALA C 208 -2.20 -9.26 -26.80
C ALA C 208 -3.16 -8.17 -26.35
N PRO C 209 -3.33 -7.98 -25.04
CA PRO C 209 -4.32 -6.99 -24.58
C PRO C 209 -3.97 -5.59 -25.06
N ASN C 210 -5.01 -4.83 -25.38
CA ASN C 210 -4.86 -3.46 -25.85
C ASN C 210 -4.55 -2.48 -24.73
N THR C 211 -4.67 -2.90 -23.48
CA THR C 211 -4.44 -2.02 -22.34
C THR C 211 -3.51 -2.70 -21.35
N ALA C 212 -2.69 -1.89 -20.69
CA ALA C 212 -1.82 -2.36 -19.61
C ALA C 212 -1.97 -1.39 -18.45
N TYR C 213 -1.29 -1.68 -17.35
CA TYR C 213 -1.32 -0.83 -16.19
C TYR C 213 0.10 -0.48 -15.78
N ILE C 214 0.27 0.73 -15.25
CA ILE C 214 1.51 1.19 -14.67
C ILE C 214 1.31 1.29 -13.17
N ILE C 215 2.29 0.78 -12.42
CA ILE C 215 2.28 0.84 -10.96
C ILE C 215 3.37 1.80 -10.53
N ALA C 216 3.00 2.77 -9.69
CA ALA C 216 3.95 3.74 -9.17
C ALA C 216 4.42 3.31 -7.79
N LEU C 217 5.70 3.54 -7.51
CA LEU C 217 6.29 3.20 -6.21
C LEU C 217 7.19 4.37 -5.80
N ALA C 218 6.83 5.05 -4.72
CA ALA C 218 7.55 6.24 -4.30
C ALA C 218 8.47 5.94 -3.12
N ALA C 219 9.58 6.66 -3.06
CA ALA C 219 10.56 6.55 -1.99
C ALA C 219 11.33 7.86 -1.90
N ALA C 220 12.24 7.92 -0.94
CA ALA C 220 13.08 9.08 -0.72
C ALA C 220 14.54 8.72 -0.97
N GLN C 221 15.32 9.72 -1.40
CA GLN C 221 16.74 9.52 -1.67
C GLN C 221 17.53 9.56 -0.37
N LYS C 222 18.85 9.44 -0.47
CA LYS C 222 19.70 9.42 0.71
C LYS C 222 19.98 10.81 1.27
N ASN C 223 19.61 11.87 0.54
CA ASN C 223 19.71 13.23 1.04
C ASN C 223 18.43 13.68 1.75
N PHE C 224 17.46 12.78 1.90
CA PHE C 224 16.18 13.12 2.48
C PHE C 224 16.27 13.15 4.00
N THR C 225 15.64 14.15 4.61
CA THR C 225 15.58 14.26 6.06
C THR C 225 14.23 14.86 6.45
N MET C 226 13.85 14.62 7.70
CA MET C 226 12.63 15.14 8.28
C MET C 226 12.96 15.82 9.60
N LYS C 227 12.10 16.74 10.02
CA LYS C 227 12.41 17.62 11.13
C LYS C 227 11.12 18.09 11.78
N LEU C 228 11.22 18.37 13.09
CA LEU C 228 10.12 18.90 13.89
C LEU C 228 8.95 17.92 13.96
N CYS C 229 9.23 16.76 14.57
CA CYS C 229 8.22 15.74 14.78
C CYS C 229 6.96 16.33 15.40
N LYS C 230 5.82 15.70 15.11
CA LYS C 230 4.53 16.18 15.59
C LYS C 230 3.56 15.00 15.59
N ASP C 231 2.29 15.30 15.85
CA ASP C 231 1.22 14.30 15.76
C ASP C 231 0.65 14.30 14.35
N THR C 232 0.43 13.10 13.80
CA THR C 232 -0.07 12.98 12.46
C THR C 232 -1.53 13.40 12.38
N SER C 233 -1.95 13.81 11.18
CA SER C 233 -3.34 14.16 10.91
C SER C 233 -3.89 13.40 9.72
N HIS C 234 -3.12 12.46 9.15
CA HIS C 234 -3.62 11.67 8.02
C HIS C 234 -4.84 10.86 8.42
N ILE C 235 -4.79 10.23 9.59
CA ILE C 235 -5.90 9.45 10.12
C ILE C 235 -6.30 10.02 11.47
N LEU C 236 -7.60 10.22 11.66
CA LEU C 236 -8.14 10.69 12.93
C LEU C 236 -9.16 9.67 13.42
N GLN C 237 -9.14 9.39 14.72
CA GLN C 237 -9.97 8.35 15.30
C GLN C 237 -11.34 8.89 15.68
N THR C 238 -12.37 8.07 15.47
CA THR C 238 -13.71 8.31 15.96
C THR C 238 -14.26 7.00 16.51
N ALA C 239 -15.27 7.11 17.39
CA ALA C 239 -15.79 5.95 18.09
C ALA C 239 -14.69 5.28 18.91
N SER C 240 -14.27 6.02 19.95
CA SER C 240 -13.07 5.69 20.71
C SER C 240 -12.91 4.19 20.91
N ILE C 241 -11.65 3.75 20.85
CA ILE C 241 -11.33 2.33 20.92
C ILE C 241 -12.03 1.70 22.12
N GLN C 242 -12.60 0.52 21.91
CA GLN C 242 -13.33 -0.19 22.95
C GLN C 242 -12.56 -1.43 23.39
N SER D 1 29.23 3.94 36.16
CA SER D 1 30.15 4.02 37.28
C SER D 1 30.15 2.71 38.08
N HIS D 2 29.49 2.71 39.24
CA HIS D 2 29.32 1.51 40.05
C HIS D 2 27.83 1.39 40.34
N GLU D 3 27.11 0.77 39.40
CA GLU D 3 25.66 0.65 39.50
C GLU D 3 25.20 -0.51 38.63
N ASN D 4 23.95 -0.92 38.83
CA ASN D 4 23.37 -1.98 38.03
C ASN D 4 23.32 -1.56 36.56
N SER D 5 23.75 -2.46 35.68
CA SER D 5 23.60 -2.27 34.24
C SER D 5 22.41 -3.14 33.82
N ASN D 6 21.23 -2.53 33.83
CA ASN D 6 19.98 -3.23 33.56
C ASN D 6 19.09 -2.40 32.65
N SER D 7 19.69 -1.66 31.72
CA SER D 7 18.92 -0.88 30.76
C SER D 7 18.44 -1.79 29.63
N ALA D 8 17.56 -1.27 28.80
CA ALA D 8 17.07 -2.01 27.64
C ALA D 8 18.00 -1.93 26.44
N THR D 9 18.95 -1.00 26.43
CA THR D 9 19.87 -0.83 25.32
C THR D 9 21.26 -1.39 25.61
N GLU D 10 21.46 -1.97 26.79
CA GLU D 10 22.74 -2.59 27.10
C GLU D 10 22.96 -3.82 26.21
N GLY D 11 24.18 -3.98 25.73
CA GLY D 11 24.48 -5.08 24.83
C GLY D 11 24.00 -4.81 23.43
N SER D 12 24.38 -3.66 22.88
CA SER D 12 24.00 -3.29 21.52
C SER D 12 25.09 -2.39 20.95
N THR D 13 25.08 -2.25 19.63
CA THR D 13 26.10 -1.50 18.90
C THR D 13 25.79 -0.01 18.83
N ILE D 14 24.98 0.52 19.75
CA ILE D 14 24.59 1.92 19.76
C ILE D 14 25.32 2.61 20.91
N ASN D 15 25.55 3.91 20.75
CA ASN D 15 26.23 4.72 21.75
C ASN D 15 25.22 5.59 22.50
N TYR D 16 25.36 5.63 23.82
CA TYR D 16 24.45 6.40 24.68
C TYR D 16 25.27 7.25 25.64
N THR D 17 24.90 8.53 25.74
CA THR D 17 25.47 9.46 26.71
C THR D 17 24.30 9.98 27.54
N THR D 18 24.00 9.29 28.64
CA THR D 18 22.83 9.56 29.46
C THR D 18 23.25 10.15 30.81
N ILE D 19 22.26 10.49 31.61
CA ILE D 19 22.45 11.01 32.96
C ILE D 19 21.58 10.18 33.90
N ASN D 20 22.16 9.78 35.03
CA ASN D 20 21.44 8.96 35.99
C ASN D 20 21.82 9.40 37.40
N TYR D 21 20.86 9.24 38.31
CA TYR D 21 21.06 9.56 39.72
C TYR D 21 20.78 8.38 40.64
N TYR D 22 20.38 7.24 40.10
CA TYR D 22 20.08 6.04 40.86
C TYR D 22 21.01 4.92 40.43
N LYS D 23 20.91 3.78 41.14
CA LYS D 23 21.74 2.63 40.83
C LYS D 23 21.17 1.77 39.70
N ASP D 24 19.97 2.08 39.21
CA ASP D 24 19.37 1.36 38.10
C ASP D 24 19.66 2.11 36.81
N SER D 25 20.16 1.37 35.81
CA SER D 25 20.55 2.00 34.55
C SER D 25 19.36 2.33 33.66
N TYR D 26 18.19 1.72 33.90
CA TYR D 26 17.01 2.05 33.10
C TYR D 26 16.32 3.33 33.57
N ALA D 27 16.69 3.85 34.73
CA ALA D 27 16.16 5.13 35.20
C ALA D 27 16.89 6.32 34.61
N ALA D 28 17.94 6.08 33.83
CA ALA D 28 18.73 7.17 33.26
C ALA D 28 17.96 7.88 32.16
N THR D 29 18.49 9.05 31.77
CA THR D 29 17.93 9.79 30.66
C THR D 29 18.08 9.01 29.37
N ALA D 30 17.24 9.36 28.39
CA ALA D 30 17.34 8.72 27.08
C ALA D 30 18.69 9.01 26.43
N GLY D 31 19.16 10.25 26.52
CA GLY D 31 20.45 10.59 25.95
C GLY D 31 20.40 10.66 24.44
N LYS D 32 21.58 10.48 23.84
CA LYS D 32 21.76 10.54 22.40
C LYS D 32 22.04 9.15 21.85
N GLN D 33 21.48 8.86 20.67
CA GLN D 33 21.71 7.60 19.98
C GLN D 33 22.63 7.83 18.79
N SER D 34 23.60 6.94 18.61
CA SER D 34 24.50 7.05 17.48
C SER D 34 23.73 7.00 16.18
N LEU D 35 24.15 7.85 15.23
CA LEU D 35 23.42 8.02 13.98
C LEU D 35 23.98 7.07 12.92
N LYS D 36 23.72 5.78 13.14
CA LYS D 36 24.08 4.74 12.19
C LYS D 36 22.82 4.25 11.49
N GLN D 37 22.86 4.22 10.16
CA GLN D 37 21.74 3.80 9.34
C GLN D 37 22.15 2.63 8.46
N ASP D 38 21.22 1.72 8.23
CA ASP D 38 21.41 0.58 7.33
C ASP D 38 20.24 0.53 6.36
N PRO D 39 20.20 1.41 5.36
CA PRO D 39 19.08 1.41 4.42
C PRO D 39 18.95 0.10 3.65
N ASP D 40 20.08 -0.53 3.34
CA ASP D 40 20.08 -1.71 2.49
C ASP D 40 19.47 -2.93 3.16
N LYS D 41 19.25 -2.89 4.48
CA LYS D 41 18.59 -4.00 5.14
C LYS D 41 17.17 -4.18 4.61
N PHE D 42 16.47 -3.07 4.37
CA PHE D 42 15.11 -3.09 3.84
C PHE D 42 15.02 -2.64 2.40
N ALA D 43 15.93 -1.78 1.94
CA ALA D 43 15.83 -1.19 0.63
C ALA D 43 16.50 -2.03 -0.46
N ASN D 44 17.64 -2.65 -0.17
CA ASN D 44 18.38 -3.46 -1.15
C ASN D 44 18.80 -4.78 -0.53
N PRO D 45 17.82 -5.63 -0.13
CA PRO D 45 18.14 -6.94 0.45
C PRO D 45 18.29 -8.05 -0.59
N VAL D 46 19.08 -7.79 -1.62
CA VAL D 46 19.30 -8.76 -2.69
C VAL D 46 20.57 -9.54 -2.39
N LYS D 47 20.59 -10.81 -2.80
CA LYS D 47 21.77 -11.63 -2.60
C LYS D 47 22.90 -11.22 -3.53
N ASP D 48 22.57 -10.97 -4.80
CA ASP D 48 23.55 -10.50 -5.79
C ASP D 48 23.33 -9.01 -6.00
N ILE D 49 24.26 -8.19 -5.52
CA ILE D 49 24.12 -6.75 -5.60
C ILE D 49 24.41 -6.28 -7.02
N PHE D 50 23.65 -5.29 -7.48
CA PHE D 50 23.87 -4.64 -8.75
C PHE D 50 24.11 -3.15 -8.54
N THR D 51 24.84 -2.55 -9.48
CA THR D 51 25.20 -1.15 -9.39
C THR D 51 24.15 -0.29 -10.10
N GLU D 52 24.21 1.01 -9.86
CA GLU D 52 23.27 1.95 -10.47
C GLU D 52 23.38 1.89 -11.99
N MET D 53 24.60 2.02 -12.52
CA MET D 53 24.80 2.05 -13.97
C MET D 53 24.47 0.71 -14.62
N ALA D 54 24.42 -0.37 -13.85
CA ALA D 54 24.20 -1.70 -14.39
C ALA D 54 22.70 -2.01 -14.41
N ALA D 55 22.23 -2.48 -15.55
CA ALA D 55 20.83 -2.91 -15.67
C ALA D 55 20.59 -4.07 -14.71
N PRO D 56 19.59 -3.98 -13.82
CA PRO D 56 19.48 -5.02 -12.78
C PRO D 56 19.32 -6.43 -13.31
N LEU D 57 18.59 -6.63 -14.41
CA LEU D 57 18.31 -7.96 -14.94
C LEU D 57 19.10 -8.17 -16.22
N LYS D 58 20.28 -8.76 -16.08
CA LYS D 58 21.12 -9.12 -17.22
C LYS D 58 21.34 -10.63 -17.27
N GLU E 20 -20.10 20.66 -15.90
CA GLU E 20 -20.20 19.31 -16.53
C GLU E 20 -19.68 19.35 -17.97
N VAL E 21 -19.09 18.25 -18.41
CA VAL E 21 -18.66 18.13 -19.80
C VAL E 21 -19.91 18.07 -20.68
N GLN E 22 -20.01 19.01 -21.62
CA GLN E 22 -21.19 19.08 -22.48
C GLN E 22 -20.83 19.74 -23.80
N LEU E 23 -21.67 19.51 -24.80
CA LEU E 23 -21.54 20.10 -26.12
C LEU E 23 -22.88 20.71 -26.49
N VAL E 24 -22.86 21.98 -26.89
CA VAL E 24 -24.07 22.70 -27.29
C VAL E 24 -23.92 23.13 -28.74
N GLN E 25 -24.92 22.80 -29.56
CA GLN E 25 -24.87 23.06 -30.99
C GLN E 25 -25.67 24.31 -31.33
N SER E 26 -25.61 24.70 -32.60
CA SER E 26 -26.25 25.94 -33.04
C SER E 26 -27.75 25.89 -32.81
N GLY E 27 -28.45 24.97 -33.49
CA GLY E 27 -29.89 24.88 -33.38
C GLY E 27 -30.54 24.53 -34.70
N ALA E 28 -31.86 24.39 -34.70
CA ALA E 28 -32.57 24.05 -35.92
C ALA E 28 -32.24 25.04 -37.02
N GLU E 29 -31.94 24.52 -38.22
CA GLU E 29 -31.49 25.34 -39.33
C GLU E 29 -32.28 24.96 -40.58
N VAL E 30 -32.79 25.97 -41.27
CA VAL E 30 -33.51 25.79 -42.54
C VAL E 30 -32.79 26.61 -43.59
N LYS E 31 -32.41 25.95 -44.69
CA LYS E 31 -31.67 26.60 -45.77
C LYS E 31 -32.27 26.23 -47.12
N LYS E 32 -31.59 26.58 -48.20
CA LYS E 32 -32.02 26.28 -49.55
C LYS E 32 -30.93 25.55 -50.30
N PRO E 33 -31.29 24.77 -51.32
CA PRO E 33 -30.30 23.88 -51.96
C PRO E 33 -29.29 24.62 -52.83
N GLY E 34 -28.19 25.07 -52.21
CA GLY E 34 -27.14 25.74 -52.96
C GLY E 34 -26.48 26.86 -52.18
N GLU E 35 -26.96 27.14 -50.97
CA GLU E 35 -26.35 28.16 -50.12
C GLU E 35 -25.14 27.55 -49.41
N SER E 36 -24.60 28.28 -48.45
CA SER E 36 -23.47 27.83 -47.64
C SER E 36 -23.86 27.91 -46.18
N LEU E 37 -23.62 26.83 -45.44
CA LEU E 37 -23.98 26.75 -44.03
C LEU E 37 -22.75 26.37 -43.22
N LYS E 38 -22.79 26.72 -41.93
CA LYS E 38 -21.67 26.44 -41.03
C LYS E 38 -22.25 26.18 -39.65
N ILE E 39 -22.44 24.91 -39.31
CA ILE E 39 -23.01 24.51 -38.04
C ILE E 39 -21.91 24.48 -36.99
N SER E 40 -22.12 25.18 -35.89
CA SER E 40 -21.14 25.29 -34.82
C SER E 40 -21.53 24.39 -33.66
N CYS E 41 -20.54 24.07 -32.83
CA CYS E 41 -20.77 23.28 -31.64
C CYS E 41 -19.68 23.60 -30.63
N LYS E 42 -20.08 24.12 -29.47
CA LYS E 42 -19.15 24.55 -28.44
C LYS E 42 -19.13 23.54 -27.30
N GLY E 43 -17.93 23.16 -26.87
CA GLY E 43 -17.74 22.24 -25.78
C GLY E 43 -17.32 22.98 -24.52
N SER E 44 -18.00 22.67 -23.41
CA SER E 44 -17.74 23.30 -22.13
C SER E 44 -17.60 22.24 -21.05
N GLY E 45 -16.91 22.61 -19.97
CA GLY E 45 -16.66 21.72 -18.86
C GLY E 45 -15.39 20.92 -18.96
N TYR E 46 -14.65 21.03 -20.07
CA TYR E 46 -13.40 20.30 -20.26
C TYR E 46 -12.48 21.17 -21.12
N SER E 47 -11.26 20.69 -21.34
CA SER E 47 -10.36 21.37 -22.26
C SER E 47 -10.91 21.27 -23.67
N PHE E 48 -10.18 21.80 -24.62
CA PHE E 48 -10.61 21.68 -26.01
C PHE E 48 -9.53 21.15 -26.92
N THR E 49 -8.28 21.57 -26.73
CA THR E 49 -7.18 21.11 -27.58
C THR E 49 -6.55 19.84 -27.00
N SER E 50 -7.41 18.90 -26.59
CA SER E 50 -6.98 17.61 -26.10
C SER E 50 -7.83 16.45 -26.59
N TYR E 51 -9.00 16.70 -27.16
CA TYR E 51 -9.93 15.65 -27.50
C TYR E 51 -10.43 15.85 -28.93
N TRP E 52 -10.64 14.73 -29.64
CA TRP E 52 -11.29 14.79 -30.92
C TRP E 52 -12.78 15.03 -30.74
N ILE E 53 -13.42 15.56 -31.78
CA ILE E 53 -14.83 15.93 -31.68
C ILE E 53 -15.64 15.12 -32.69
N GLY E 54 -15.40 15.35 -33.96
CA GLY E 54 -16.08 14.60 -35.00
C GLY E 54 -17.58 14.84 -35.06
N TRP E 55 -18.17 14.48 -36.20
CA TRP E 55 -19.58 14.72 -36.46
C TRP E 55 -20.24 13.46 -36.97
N VAL E 56 -21.52 13.30 -36.64
CA VAL E 56 -22.31 12.13 -37.05
C VAL E 56 -23.59 12.64 -37.70
N ARG E 57 -23.97 12.04 -38.81
CA ARG E 57 -25.19 12.39 -39.53
C ARG E 57 -26.21 11.27 -39.38
N GLN E 58 -27.48 11.66 -39.20
CA GLN E 58 -28.60 10.73 -39.14
C GLN E 58 -29.69 11.26 -40.05
N MET E 59 -29.87 10.62 -41.20
CA MET E 59 -30.96 11.00 -42.08
C MET E 59 -32.29 10.61 -41.45
N PRO E 60 -33.36 11.38 -41.67
CA PRO E 60 -34.65 11.04 -41.06
C PRO E 60 -35.08 9.63 -41.43
N GLY E 61 -35.28 8.80 -40.40
CA GLY E 61 -35.67 7.42 -40.58
C GLY E 61 -34.52 6.45 -40.76
N LYS E 62 -33.28 6.92 -40.79
CA LYS E 62 -32.10 6.10 -40.98
C LYS E 62 -31.29 6.04 -39.68
N GLY E 63 -30.17 5.32 -39.73
CA GLY E 63 -29.27 5.19 -38.61
C GLY E 63 -28.15 6.22 -38.65
N LEU E 64 -27.21 6.05 -37.72
CA LEU E 64 -26.08 6.96 -37.59
C LEU E 64 -25.07 6.71 -38.70
N GLU E 65 -24.47 7.80 -39.19
CA GLU E 65 -23.43 7.71 -40.21
C GLU E 65 -22.27 8.59 -39.78
N TRP E 66 -21.08 8.01 -39.72
CA TRP E 66 -19.89 8.73 -39.27
C TRP E 66 -19.40 9.66 -40.39
N MET E 67 -19.17 10.92 -40.05
CA MET E 67 -18.72 11.92 -41.01
C MET E 67 -17.22 12.19 -40.92
N GLY E 68 -16.72 12.49 -39.73
CA GLY E 68 -15.31 12.79 -39.59
C GLY E 68 -14.96 13.08 -38.14
N ILE E 69 -13.67 13.30 -37.92
CA ILE E 69 -13.14 13.66 -36.61
C ILE E 69 -12.16 14.81 -36.77
N ILE E 70 -12.20 15.72 -35.80
CA ILE E 70 -11.32 16.89 -35.77
C ILE E 70 -10.60 16.92 -34.43
N TYR E 71 -9.27 16.99 -34.46
CA TYR E 71 -8.48 17.26 -33.27
C TYR E 71 -8.19 18.76 -33.27
N PRO E 72 -8.79 19.55 -32.38
CA PRO E 72 -8.65 21.01 -32.47
C PRO E 72 -7.23 21.51 -32.31
N GLY E 73 -6.56 21.15 -31.22
CA GLY E 73 -5.18 21.54 -31.04
C GLY E 73 -4.35 20.98 -32.17
N ASP E 74 -3.65 21.85 -32.90
CA ASP E 74 -2.99 21.44 -34.14
C ASP E 74 -4.00 20.74 -35.05
N SER E 75 -4.93 21.55 -35.55
CA SER E 75 -6.13 21.06 -36.21
C SER E 75 -5.82 19.91 -37.15
N ASP E 76 -6.31 18.72 -36.82
CA ASP E 76 -6.05 17.51 -37.59
C ASP E 76 -7.38 16.84 -37.91
N THR E 77 -7.76 16.81 -39.18
CA THR E 77 -9.07 16.37 -39.60
C THR E 77 -8.99 15.08 -40.39
N ARG E 78 -9.74 14.07 -39.97
CA ARG E 78 -9.95 12.85 -40.72
C ARG E 78 -11.37 12.84 -41.24
N TYR E 79 -11.54 12.58 -42.53
CA TYR E 79 -12.83 12.62 -43.20
C TYR E 79 -13.26 11.24 -43.64
N SER E 80 -14.57 11.06 -43.73
CA SER E 80 -15.08 9.85 -44.36
C SER E 80 -15.03 9.99 -45.88
N PRO E 81 -14.72 8.93 -46.63
CA PRO E 81 -14.69 9.06 -48.09
C PRO E 81 -16.00 9.54 -48.67
N SER E 82 -17.14 9.15 -48.09
CA SER E 82 -18.43 9.56 -48.59
C SER E 82 -18.79 10.99 -48.24
N PHE E 83 -18.00 11.66 -47.41
CA PHE E 83 -18.24 13.05 -47.04
C PHE E 83 -17.11 14.00 -47.42
N GLN E 84 -15.89 13.52 -47.62
CA GLN E 84 -14.81 14.37 -48.06
C GLN E 84 -15.16 15.01 -49.40
N GLY E 85 -14.93 16.31 -49.51
CA GLY E 85 -15.27 17.06 -50.72
C GLY E 85 -16.64 17.68 -50.71
N GLN E 86 -17.48 17.35 -49.72
CA GLN E 86 -18.80 17.95 -49.59
C GLN E 86 -18.93 18.85 -48.37
N VAL E 87 -18.20 18.56 -47.29
CA VAL E 87 -18.24 19.35 -46.07
C VAL E 87 -16.80 19.59 -45.63
N THR E 88 -16.64 20.59 -44.77
CA THR E 88 -15.33 20.94 -44.20
C THR E 88 -15.47 21.02 -42.69
N ILE E 89 -14.81 20.12 -41.98
CA ILE E 89 -14.77 20.15 -40.52
C ILE E 89 -13.58 21.00 -40.09
N SER E 90 -13.83 21.95 -39.20
CA SER E 90 -12.78 22.81 -38.67
C SER E 90 -13.02 22.99 -37.17
N ALA E 91 -12.12 23.71 -36.51
CA ALA E 91 -12.25 23.92 -35.07
C ALA E 91 -11.47 25.17 -34.67
N ASP E 92 -12.17 26.13 -34.07
CA ASP E 92 -11.53 27.28 -33.45
C ASP E 92 -11.29 26.95 -31.98
N LYS E 93 -10.02 26.76 -31.62
CA LYS E 93 -9.68 26.40 -30.26
C LYS E 93 -9.79 27.58 -29.30
N SER E 94 -9.65 28.81 -29.80
CA SER E 94 -9.74 29.98 -28.94
C SER E 94 -11.08 30.01 -28.22
N ILE E 95 -12.18 29.88 -28.98
CA ILE E 95 -13.52 29.86 -28.39
C ILE E 95 -13.98 28.45 -28.05
N SER E 96 -13.19 27.44 -28.38
CA SER E 96 -13.54 26.04 -28.11
C SER E 96 -14.83 25.66 -28.84
N THR E 97 -14.77 25.75 -30.17
CA THR E 97 -15.96 25.49 -30.99
C THR E 97 -15.57 24.82 -32.30
N ALA E 98 -16.17 23.67 -32.57
CA ALA E 98 -16.00 22.98 -33.84
C ALA E 98 -17.06 23.43 -34.83
N TYR E 99 -16.72 23.31 -36.12
CA TYR E 99 -17.57 23.78 -37.20
C TYR E 99 -17.65 22.72 -38.29
N LEU E 100 -18.80 22.70 -38.98
CA LEU E 100 -19.13 21.74 -40.02
C LEU E 100 -19.51 22.47 -41.31
N GLN E 101 -18.64 23.36 -41.75
CA GLN E 101 -18.97 24.27 -42.84
C GLN E 101 -19.39 23.51 -44.10
N TRP E 102 -20.41 24.04 -44.76
CA TRP E 102 -20.86 23.55 -46.06
C TRP E 102 -20.59 24.61 -47.13
N SER E 103 -20.26 24.14 -48.33
CA SER E 103 -19.97 25.02 -49.45
C SER E 103 -21.17 25.20 -50.37
N SER E 104 -21.87 24.11 -50.68
CA SER E 104 -23.06 24.17 -51.54
C SER E 104 -24.02 23.07 -51.07
N LEU E 105 -25.04 23.46 -50.32
CA LEU E 105 -25.98 22.50 -49.80
C LEU E 105 -26.75 21.81 -50.91
N LYS E 106 -26.93 20.50 -50.78
CA LYS E 106 -27.72 19.70 -51.69
C LYS E 106 -28.99 19.23 -50.97
N ALA E 107 -29.99 18.82 -51.76
CA ALA E 107 -31.25 18.38 -51.19
C ALA E 107 -31.07 17.16 -50.29
N SER E 108 -29.97 16.42 -50.44
CA SER E 108 -29.70 15.24 -49.64
C SER E 108 -28.99 15.55 -48.33
N ASP E 109 -29.05 16.79 -47.87
CA ASP E 109 -28.40 17.20 -46.63
C ASP E 109 -29.38 17.40 -45.48
N THR E 110 -30.64 16.99 -45.65
CA THR E 110 -31.63 17.11 -44.59
C THR E 110 -31.41 15.98 -43.59
N ALA E 111 -31.02 16.33 -42.36
CA ALA E 111 -30.69 15.30 -41.39
C ALA E 111 -30.40 15.94 -40.04
N MET E 112 -30.23 15.09 -39.03
CA MET E 112 -29.77 15.51 -37.72
C MET E 112 -28.26 15.33 -37.63
N TYR E 113 -27.55 16.38 -37.27
CA TYR E 113 -26.10 16.36 -37.16
C TYR E 113 -25.71 16.50 -35.70
N TYR E 114 -24.97 15.51 -35.19
CA TYR E 114 -24.52 15.47 -33.82
C TYR E 114 -23.03 15.74 -33.77
N CYS E 115 -22.62 16.70 -32.96
CA CYS E 115 -21.22 16.84 -32.59
C CYS E 115 -20.96 16.04 -31.33
N ALA E 116 -19.93 15.22 -31.35
CA ALA E 116 -19.59 14.35 -30.23
C ALA E 116 -18.16 14.63 -29.79
N ARG E 117 -17.75 13.90 -28.77
CA ARG E 117 -16.41 14.01 -28.20
C ARG E 117 -15.96 12.61 -27.82
N LEU E 118 -14.82 12.21 -28.37
CA LEU E 118 -14.32 10.85 -28.20
C LEU E 118 -13.89 10.63 -26.75
N HIS E 119 -13.77 9.36 -26.39
CA HIS E 119 -13.51 8.98 -25.01
C HIS E 119 -12.24 9.66 -24.51
N SER E 120 -12.29 10.14 -23.27
CA SER E 120 -11.14 10.81 -22.69
C SER E 120 -9.95 9.88 -22.53
N SER E 121 -10.21 8.60 -22.23
CA SER E 121 -9.14 7.64 -22.02
C SER E 121 -8.43 7.25 -23.32
N SER E 122 -9.14 7.25 -24.44
CA SER E 122 -8.51 6.94 -25.72
C SER E 122 -9.51 7.23 -26.83
N TRP E 123 -9.00 7.72 -27.96
CA TRP E 123 -9.87 7.98 -29.10
C TRP E 123 -10.36 6.71 -29.77
N PHE E 124 -9.82 5.54 -29.41
CA PHE E 124 -10.31 4.28 -29.92
C PHE E 124 -11.58 3.81 -29.21
N TYR E 125 -11.97 4.47 -28.12
CA TYR E 125 -13.09 4.04 -27.31
C TYR E 125 -14.37 4.82 -27.63
N GLY E 126 -14.56 5.21 -28.89
CA GLY E 126 -15.82 5.75 -29.34
C GLY E 126 -16.08 7.16 -28.88
N MET E 127 -17.28 7.63 -29.19
CA MET E 127 -17.72 8.97 -28.84
C MET E 127 -18.42 8.93 -27.49
N ASP E 128 -17.75 9.46 -26.46
CA ASP E 128 -18.24 9.32 -25.10
C ASP E 128 -19.15 10.45 -24.66
N VAL E 129 -19.04 11.63 -25.27
CA VAL E 129 -19.95 12.75 -24.98
C VAL E 129 -20.66 13.12 -26.27
N TRP E 130 -21.93 13.47 -26.16
CA TRP E 130 -22.74 13.82 -27.32
C TRP E 130 -23.45 15.14 -27.09
N GLY E 131 -23.61 15.91 -28.16
CA GLY E 131 -24.33 17.16 -28.11
C GLY E 131 -25.83 16.94 -28.26
N GLN E 132 -26.55 18.07 -28.31
CA GLN E 132 -28.00 18.02 -28.45
C GLN E 132 -28.42 17.57 -29.84
N GLY E 133 -27.68 17.97 -30.88
CA GLY E 133 -28.07 17.69 -32.24
C GLY E 133 -28.67 18.89 -32.93
N THR E 134 -28.32 19.09 -34.19
CA THR E 134 -28.83 20.19 -35.00
C THR E 134 -29.58 19.63 -36.19
N THR E 135 -30.83 20.05 -36.37
CA THR E 135 -31.65 19.58 -37.46
C THR E 135 -31.48 20.51 -38.65
N VAL E 136 -30.82 20.02 -39.70
CA VAL E 136 -30.61 20.80 -40.92
C VAL E 136 -31.66 20.35 -41.93
N THR E 137 -32.38 21.32 -42.49
CA THR E 137 -33.43 21.06 -43.48
C THR E 137 -33.19 22.00 -44.65
N VAL E 138 -32.85 21.44 -45.81
CA VAL E 138 -32.58 22.21 -47.02
C VAL E 138 -33.62 21.82 -48.06
N SER E 139 -34.41 22.80 -48.48
CA SER E 139 -35.46 22.57 -49.47
C SER E 139 -35.83 23.89 -50.10
N SER E 140 -36.44 23.82 -51.28
CA SER E 140 -36.83 25.02 -52.02
C SER E 140 -38.33 25.26 -51.90
N ASP F 20 -12.33 0.33 -46.66
CA ASP F 20 -13.47 0.62 -45.73
C ASP F 20 -13.97 -0.65 -45.07
N ILE F 21 -14.24 -0.58 -43.79
CA ILE F 21 -14.73 -1.72 -43.00
C ILE F 21 -16.25 -1.62 -42.95
N GLN F 22 -16.92 -2.67 -43.41
CA GLN F 22 -18.37 -2.72 -43.40
C GLN F 22 -18.85 -3.47 -42.15
N MET F 23 -19.71 -2.81 -41.37
CA MET F 23 -20.27 -3.39 -40.16
C MET F 23 -21.70 -3.83 -40.42
N THR F 24 -22.08 -4.97 -39.86
CA THR F 24 -23.44 -5.47 -39.94
C THR F 24 -23.90 -5.93 -38.57
N GLN F 25 -25.20 -5.91 -38.36
CA GLN F 25 -25.80 -6.27 -37.09
C GLN F 25 -26.92 -7.27 -37.31
N SER F 26 -27.09 -8.18 -36.35
CA SER F 26 -28.12 -9.21 -36.44
C SER F 26 -28.69 -9.49 -35.06
N PRO F 27 -30.01 -9.64 -34.93
CA PRO F 27 -31.03 -9.48 -35.98
C PRO F 27 -31.31 -8.01 -36.27
N SER F 28 -31.84 -7.72 -37.47
CA SER F 28 -32.17 -6.33 -37.79
C SER F 28 -33.10 -5.72 -36.76
N SER F 29 -33.94 -6.55 -36.14
CA SER F 29 -34.81 -6.09 -35.06
C SER F 29 -35.40 -7.29 -34.31
N LEU F 30 -35.28 -7.29 -32.99
CA LEU F 30 -35.80 -8.36 -32.16
C LEU F 30 -36.80 -7.79 -31.16
N SER F 31 -37.60 -8.68 -30.58
CA SER F 31 -38.62 -8.30 -29.62
C SER F 31 -38.48 -9.16 -28.37
N ALA F 32 -38.79 -8.55 -27.22
CA ALA F 32 -38.72 -9.25 -25.95
C ALA F 32 -39.53 -8.46 -24.93
N SER F 33 -39.71 -9.05 -23.75
CA SER F 33 -40.42 -8.44 -22.64
C SER F 33 -39.48 -8.23 -21.47
N VAL F 34 -39.97 -7.50 -20.47
CA VAL F 34 -39.15 -7.18 -19.30
C VAL F 34 -38.65 -8.47 -18.66
N GLY F 35 -37.39 -8.46 -18.23
CA GLY F 35 -36.78 -9.63 -17.64
C GLY F 35 -36.18 -10.60 -18.64
N ASP F 36 -36.35 -10.35 -19.93
CA ASP F 36 -35.81 -11.24 -20.95
C ASP F 36 -34.31 -11.03 -21.11
N ARG F 37 -33.66 -11.98 -21.77
CA ARG F 37 -32.23 -11.94 -22.04
C ARG F 37 -32.03 -11.62 -23.51
N VAL F 38 -31.64 -10.39 -23.81
CA VAL F 38 -31.46 -9.94 -25.18
C VAL F 38 -30.01 -10.14 -25.59
N THR F 39 -29.79 -10.47 -26.86
CA THR F 39 -28.43 -10.66 -27.37
C THR F 39 -28.41 -10.31 -28.85
N ILE F 40 -27.48 -9.43 -29.23
CA ILE F 40 -27.33 -9.01 -30.61
C ILE F 40 -25.87 -9.17 -31.01
N THR F 41 -25.64 -9.46 -32.30
CA THR F 41 -24.31 -9.72 -32.82
C THR F 41 -23.94 -8.65 -33.83
N CYS F 42 -22.65 -8.31 -33.85
CA CYS F 42 -22.08 -7.34 -34.75
C CYS F 42 -20.89 -7.99 -35.47
N ARG F 43 -20.92 -7.95 -36.79
CA ARG F 43 -19.88 -8.58 -37.61
C ARG F 43 -19.18 -7.51 -38.43
N ALA F 44 -17.85 -7.56 -38.45
CA ALA F 44 -17.03 -6.61 -39.18
C ALA F 44 -16.38 -7.30 -40.37
N SER F 45 -16.31 -6.57 -41.49
CA SER F 45 -15.64 -7.12 -42.66
C SER F 45 -14.17 -7.41 -42.37
N GLN F 46 -13.49 -6.46 -41.75
CA GLN F 46 -12.08 -6.61 -41.40
C GLN F 46 -11.96 -7.14 -39.97
N SER F 47 -10.77 -7.04 -39.39
CA SER F 47 -10.45 -7.71 -38.14
C SER F 47 -10.10 -6.72 -37.03
N ILE F 48 -10.91 -5.68 -36.86
CA ILE F 48 -10.74 -4.75 -35.75
C ILE F 48 -10.56 -5.57 -34.47
N SER F 49 -9.48 -5.28 -33.74
CA SER F 49 -9.11 -6.18 -32.65
C SER F 49 -10.18 -6.23 -31.56
N SER F 50 -10.36 -5.14 -30.83
CA SER F 50 -11.39 -5.05 -29.80
C SER F 50 -11.95 -3.64 -29.72
N TYR F 51 -12.00 -2.95 -30.85
CA TYR F 51 -12.35 -1.53 -30.90
C TYR F 51 -13.79 -1.33 -31.37
N LEU F 52 -14.70 -2.17 -30.91
CA LEU F 52 -16.12 -2.03 -31.20
C LEU F 52 -16.80 -1.27 -30.06
N ASN F 53 -17.60 -0.27 -30.42
CA ASN F 53 -18.35 0.53 -29.46
C ASN F 53 -19.84 0.31 -29.68
N TRP F 54 -20.56 0.08 -28.59
CA TRP F 54 -22.00 -0.10 -28.60
C TRP F 54 -22.67 1.14 -28.02
N TYR F 55 -23.55 1.75 -28.81
CA TYR F 55 -24.33 2.92 -28.43
C TYR F 55 -25.81 2.56 -28.35
N GLN F 56 -26.52 3.23 -27.45
CA GLN F 56 -27.97 3.12 -27.32
C GLN F 56 -28.59 4.47 -27.66
N GLN F 57 -29.58 4.45 -28.55
CA GLN F 57 -30.30 5.66 -28.93
C GLN F 57 -31.78 5.39 -28.84
N LYS F 58 -32.49 6.26 -28.12
CA LYS F 58 -33.94 6.20 -28.01
C LYS F 58 -34.57 7.15 -29.02
N PRO F 59 -35.85 6.93 -29.36
CA PRO F 59 -36.49 7.82 -30.35
C PRO F 59 -36.45 9.27 -29.90
N GLY F 60 -36.12 10.15 -30.84
CA GLY F 60 -36.01 11.57 -30.53
C GLY F 60 -34.97 11.88 -29.48
N LYS F 61 -33.82 11.20 -29.52
CA LYS F 61 -32.77 11.41 -28.54
C LYS F 61 -31.43 11.15 -29.21
N ALA F 62 -30.36 11.60 -28.55
CA ALA F 62 -29.02 11.43 -29.10
C ALA F 62 -28.43 10.08 -28.69
N PRO F 63 -27.49 9.54 -29.47
CA PRO F 63 -26.89 8.26 -29.11
C PRO F 63 -26.18 8.33 -27.76
N LYS F 64 -26.17 7.19 -27.06
CA LYS F 64 -25.58 7.09 -25.73
C LYS F 64 -24.64 5.91 -25.71
N LEU F 65 -23.36 6.17 -25.46
CA LEU F 65 -22.36 5.11 -25.43
C LEU F 65 -22.63 4.16 -24.28
N LEU F 66 -22.83 2.88 -24.62
CA LEU F 66 -22.98 1.84 -23.60
C LEU F 66 -21.66 1.14 -23.34
N ILE F 67 -21.05 0.57 -24.37
CA ILE F 67 -19.86 -0.26 -24.23
C ILE F 67 -18.78 0.30 -25.12
N TYR F 68 -17.55 0.29 -24.62
CA TYR F 68 -16.36 0.59 -25.43
C TYR F 68 -15.35 -0.53 -25.25
N ALA F 69 -14.45 -0.64 -26.23
CA ALA F 69 -13.47 -1.72 -26.29
C ALA F 69 -14.12 -3.09 -26.43
N ALA F 70 -15.41 -3.11 -26.76
CA ALA F 70 -16.17 -4.34 -27.00
C ALA F 70 -16.49 -5.08 -25.71
N SER F 71 -15.91 -4.67 -24.59
CA SER F 71 -16.21 -5.27 -23.30
C SER F 71 -16.32 -4.27 -22.16
N SER F 72 -15.70 -3.10 -22.25
CA SER F 72 -15.66 -2.17 -21.13
C SER F 72 -17.00 -1.44 -21.01
N LEU F 73 -17.55 -1.43 -19.80
CA LEU F 73 -18.83 -0.79 -19.55
C LEU F 73 -18.61 0.68 -19.24
N GLN F 74 -19.29 1.54 -19.98
CA GLN F 74 -19.17 2.98 -19.78
C GLN F 74 -19.70 3.36 -18.41
N SER F 75 -19.06 4.35 -17.80
CA SER F 75 -19.49 4.83 -16.49
C SER F 75 -20.92 5.35 -16.56
N GLY F 76 -21.73 4.98 -15.57
CA GLY F 76 -23.14 5.36 -15.56
C GLY F 76 -24.04 4.45 -16.36
N VAL F 77 -23.64 3.21 -16.60
CA VAL F 77 -24.42 2.24 -17.36
C VAL F 77 -24.75 1.08 -16.43
N PRO F 78 -25.99 0.58 -16.41
CA PRO F 78 -26.32 -0.53 -15.51
C PRO F 78 -25.55 -1.79 -15.88
N SER F 79 -25.30 -2.61 -14.86
CA SER F 79 -24.43 -3.77 -14.99
C SER F 79 -25.03 -4.85 -15.90
N ARG F 80 -26.31 -4.71 -16.25
CA ARG F 80 -26.97 -5.73 -17.07
C ARG F 80 -26.46 -5.75 -18.50
N PHE F 81 -25.70 -4.74 -18.92
CA PHE F 81 -25.10 -4.72 -20.25
C PHE F 81 -23.73 -5.40 -20.22
N SER F 82 -23.48 -6.26 -21.19
CA SER F 82 -22.22 -6.99 -21.28
C SER F 82 -21.79 -7.05 -22.73
N GLY F 83 -20.53 -6.69 -22.99
CA GLY F 83 -19.95 -6.81 -24.31
C GLY F 83 -18.93 -7.94 -24.37
N SER F 84 -18.85 -8.58 -25.52
CA SER F 84 -17.89 -9.67 -25.71
C SER F 84 -17.51 -9.74 -27.18
N GLY F 85 -16.43 -10.47 -27.44
CA GLY F 85 -16.00 -10.73 -28.80
C GLY F 85 -14.73 -9.98 -29.15
N SER F 86 -14.23 -10.27 -30.35
CA SER F 86 -12.99 -9.67 -30.83
C SER F 86 -12.74 -10.18 -32.24
N GLY F 87 -11.92 -9.43 -32.98
CA GLY F 87 -11.61 -9.80 -34.34
C GLY F 87 -12.67 -9.33 -35.30
N THR F 88 -13.55 -10.25 -35.71
CA THR F 88 -14.64 -9.94 -36.61
C THR F 88 -16.02 -10.12 -35.99
N ASP F 89 -16.14 -10.84 -34.88
CA ASP F 89 -17.42 -11.15 -34.27
C ASP F 89 -17.49 -10.54 -32.87
N PHE F 90 -18.59 -9.82 -32.61
CA PHE F 90 -18.82 -9.17 -31.32
C PHE F 90 -20.27 -9.38 -30.93
N THR F 91 -20.54 -9.26 -29.63
CA THR F 91 -21.88 -9.50 -29.11
C THR F 91 -22.18 -8.56 -27.97
N LEU F 92 -23.39 -8.01 -27.96
CA LEU F 92 -23.94 -7.25 -26.85
C LEU F 92 -25.06 -8.04 -26.22
N THR F 93 -25.06 -8.11 -24.88
CA THR F 93 -26.00 -8.94 -24.14
C THR F 93 -26.61 -8.13 -23.01
N ILE F 94 -27.94 -8.19 -22.91
CA ILE F 94 -28.68 -7.61 -21.79
C ILE F 94 -29.22 -8.78 -20.98
N SER F 95 -28.70 -8.92 -19.76
CA SER F 95 -29.05 -10.08 -18.93
C SER F 95 -30.53 -10.07 -18.58
N SER F 96 -31.07 -8.90 -18.23
CA SER F 96 -32.48 -8.75 -17.89
C SER F 96 -32.98 -7.47 -18.56
N LEU F 97 -33.77 -7.62 -19.61
CA LEU F 97 -34.26 -6.47 -20.35
C LEU F 97 -35.21 -5.65 -19.49
N GLN F 98 -35.06 -4.32 -19.55
CA GLN F 98 -35.86 -3.41 -18.75
C GLN F 98 -36.64 -2.48 -19.66
N PRO F 99 -37.66 -1.78 -19.15
CA PRO F 99 -38.45 -0.91 -20.04
C PRO F 99 -37.60 0.12 -20.75
N GLU F 100 -36.60 0.69 -20.07
CA GLU F 100 -35.73 1.68 -20.69
C GLU F 100 -34.73 1.06 -21.66
N ASP F 101 -34.64 -0.27 -21.70
CA ASP F 101 -33.72 -0.96 -22.60
C ASP F 101 -34.33 -1.23 -23.97
N PHE F 102 -35.52 -0.71 -24.24
CA PHE F 102 -36.17 -0.85 -25.54
C PHE F 102 -35.80 0.37 -26.37
N ALA F 103 -34.75 0.23 -27.18
CA ALA F 103 -34.22 1.32 -27.98
C ALA F 103 -33.43 0.72 -29.13
N THR F 104 -32.79 1.59 -29.91
CA THR F 104 -31.97 1.15 -31.03
C THR F 104 -30.51 1.06 -30.59
N TYR F 105 -29.88 -0.07 -30.89
CA TYR F 105 -28.50 -0.31 -30.48
C TYR F 105 -27.62 -0.37 -31.72
N TYR F 106 -26.60 0.48 -31.74
CA TYR F 106 -25.66 0.57 -32.85
C TYR F 106 -24.28 0.07 -32.43
N CYS F 107 -23.59 -0.61 -33.32
CA CYS F 107 -22.19 -0.97 -33.13
C CYS F 107 -21.35 -0.25 -34.19
N GLN F 108 -20.27 0.37 -33.74
CA GLN F 108 -19.32 1.01 -34.65
C GLN F 108 -17.93 0.47 -34.39
N GLN F 109 -17.09 0.51 -35.42
CA GLN F 109 -15.69 0.13 -35.30
C GLN F 109 -14.85 1.39 -35.22
N SER F 110 -14.00 1.45 -34.19
CA SER F 110 -13.09 2.57 -34.00
C SER F 110 -11.67 2.24 -34.43
N TYR F 111 -11.45 1.07 -35.03
CA TYR F 111 -10.09 0.66 -35.39
C TYR F 111 -9.56 1.50 -36.55
N SER F 112 -10.35 1.63 -37.61
CA SER F 112 -9.91 2.31 -38.82
C SER F 112 -10.69 3.60 -39.03
N THR F 113 -10.33 4.33 -40.07
CA THR F 113 -11.06 5.51 -40.53
C THR F 113 -11.45 5.26 -41.98
N PRO F 114 -12.74 5.41 -42.35
CA PRO F 114 -13.86 5.89 -41.53
C PRO F 114 -14.32 4.91 -40.46
N ARG F 115 -14.88 5.44 -39.39
CA ARG F 115 -15.39 4.62 -38.28
C ARG F 115 -16.84 4.31 -38.56
N THR F 116 -17.07 3.21 -39.28
CA THR F 116 -18.41 2.88 -39.74
C THR F 116 -19.32 2.53 -38.57
N PHE F 117 -20.56 3.00 -38.64
CA PHE F 117 -21.60 2.59 -37.71
C PHE F 117 -22.34 1.38 -38.26
N GLY F 118 -22.84 0.55 -37.34
CA GLY F 118 -23.63 -0.59 -37.72
C GLY F 118 -24.99 -0.16 -38.25
N PRO F 119 -25.64 -1.04 -39.01
CA PRO F 119 -26.97 -0.68 -39.53
C PRO F 119 -27.97 -0.40 -38.43
N GLY F 120 -27.82 -1.01 -37.27
CA GLY F 120 -28.68 -0.76 -36.14
C GLY F 120 -29.61 -1.93 -35.89
N THR F 121 -29.83 -2.22 -34.60
CA THR F 121 -30.75 -3.27 -34.17
C THR F 121 -31.75 -2.65 -33.22
N LYS F 122 -33.03 -2.78 -33.55
CA LYS F 122 -34.12 -2.19 -32.76
C LYS F 122 -34.74 -3.26 -31.88
N VAL F 123 -34.92 -2.92 -30.59
CA VAL F 123 -35.54 -3.80 -29.62
C VAL F 123 -36.88 -3.20 -29.24
N ASP F 124 -37.95 -3.98 -29.42
CA ASP F 124 -39.31 -3.55 -29.15
C ASP F 124 -40.01 -4.53 -28.22
N ILE F 125 -41.01 -4.01 -27.51
CA ILE F 125 -41.79 -4.86 -26.60
C ILE F 125 -42.61 -5.85 -27.42
N LYS F 126 -42.57 -7.11 -27.02
CA LYS F 126 -43.24 -8.18 -27.75
C LYS F 126 -44.67 -8.36 -27.25
N ARG F 127 -45.55 -8.76 -28.17
CA ARG F 127 -46.93 -9.04 -27.81
C ARG F 127 -47.60 -9.88 -28.90
C1 SPH G . 0.45 -6.03 24.09
O1 SPH G . -0.26 -5.72 22.91
C2 SPH G . 0.05 -5.09 25.22
N2 SPH G . 0.27 -5.71 26.51
C3 SPH G . 0.79 -3.77 25.10
O3 SPH G . -0.07 -2.70 25.43
C4 SPH G . 2.04 -3.70 25.93
C5 SPH G . 2.05 -2.88 27.16
C6 SPH G . 3.17 -1.87 27.37
C7 SPH G . 4.22 -2.39 28.35
C8 SPH G . 4.10 -1.73 29.71
C9 SPH G . 5.40 -1.85 30.50
C10 SPH G . 5.16 -2.14 31.97
C11 SPH G . 4.67 -0.92 32.76
C12 SPH G . 4.31 -1.30 34.19
C13 SPH G . 3.44 -0.25 34.87
C14 SPH G . 3.94 0.03 36.28
C15 SPH G . 3.11 1.11 36.97
C16 SPH G . 3.81 1.61 38.24
C17 SPH G . 2.80 2.12 39.27
C18 SPH G . 3.49 2.47 40.58
H11 SPH G . 0.22 -7.06 24.38
H12 SPH G . 1.52 -5.96 23.92
HO1 SPH G . -0.81 -4.93 23.06
H2 SPH G . -1.02 -4.88 25.12
HN21 SPH G . 0.67 -5.18 27.28
HN22 SPH G . -0.02 -6.67 26.66
H3 SPH G . 1.09 -3.66 24.05
HO3 SPH G . -0.57 -2.44 24.64
H4 SPH G . 2.88 -4.37 25.73
H5 SPH G . 1.22 -2.93 27.85
H61 SPH G . 3.63 -1.64 26.42
H62 SPH G . 2.73 -0.95 27.76
H71 SPH G . 4.11 -3.47 28.46
H72 SPH G . 5.21 -2.20 27.94
H81 SPH G . 3.28 -2.19 30.27
H82 SPH G . 3.86 -0.67 29.58
H91 SPH G . 6.00 -2.65 30.07
H92 SPH G . 5.97 -0.91 30.41
H101 SPH G . 6.08 -2.49 32.42
H102 SPH G . 4.42 -2.93 32.08
H111 SPH G . 5.47 -0.16 32.77
H112 SPH G . 3.81 -0.49 32.27
H121 SPH G . 5.23 -1.43 34.77
H122 SPH G . 3.80 -2.27 34.19
H131 SPH G . 2.41 -0.60 34.91
H132 SPH G . 3.45 0.67 34.29
H141 SPH G . 4.97 0.34 36.25
H142 SPH G . 3.89 -0.89 36.87
H151 SPH G . 2.96 1.95 36.29
H152 SPH G . 2.13 0.71 37.23
H161 SPH G . 4.50 2.40 37.98
H162 SPH G . 4.38 0.79 38.67
H171 SPH G . 2.30 3.01 38.87
H172 SPH G . 2.04 1.36 39.44
H181 SPH G . 4.24 3.24 40.41
H182 SPH G . 2.75 2.83 41.29
H183 SPH G . 3.97 1.58 40.98
#